data_4KYV
#
_entry.id   4KYV
#
_cell.length_a   42.938
_cell.length_b   94.770
_cell.length_c   73.483
_cell.angle_alpha   90.000
_cell.angle_beta   93.110
_cell.angle_gamma   90.000
#
_symmetry.space_group_name_H-M   'P 1 21 1'
#
loop_
_entity.id
_entity.type
_entity.pdbx_description
1 polymer 'dehalogenase HaloTag2'
2 non-polymer N-(2-ethoxy-3,5-dimethylbenzyl)-1H-tetrazol-5-amine
3 non-polymer 'SODIUM ION'
4 water water
#
_entity_poly.entity_id   1
_entity_poly.type   'polypeptide(L)'
_entity_poly.pdbx_seq_one_letter_code
;(MSE)GHHHHHHSH(MSE)GSEIGTGFPFDPHYVEVLGER(MSE)HYVDVGPRDGTPVLFLHGNPTSSYLWRNIIPHVAP
SHRCIAPDLIG(MSE)GKSDKPDLDYFFDDHVRYLDAFIEALGLEEVVLVIHDWGSALGFHWAKRNPERVKGIAC(MSE)
EFIRPIPTWDEWPEFARETFQAFRTADVGRELIIDQNAFIEGALP(MSE)GVVRPLTEVE(MSE)DHYREPFLKPVDREP
LWRLPNELPIAGEPANIVALVEAY(MSE)NWLHQSPVPKLLFWGTPGVLIPPAEAARLAESLPNCKTVDIGPGLFLLQED
NPDLIGSEIARWLPGLAG
;
_entity_poly.pdbx_strand_id   A,B
#
loop_
_chem_comp.id
_chem_comp.type
_chem_comp.name
_chem_comp.formula
1Q9 non-polymer N-(2-ethoxy-3,5-dimethylbenzyl)-1H-tetrazol-5-amine 'C12 H17 N5 O'
NA non-polymer 'SODIUM ION' 'Na 1'
#
# COMPACT_ATOMS: atom_id res chain seq x y z
N HIS A 4 -34.67 -1.58 2.98
CA HIS A 4 -34.19 -2.72 2.20
C HIS A 4 -32.87 -3.28 2.74
N HIS A 5 -32.01 -2.38 3.21
CA HIS A 5 -30.70 -2.78 3.71
C HIS A 5 -30.69 -2.85 5.24
N HIS A 6 -30.67 -4.08 5.77
CA HIS A 6 -30.72 -4.32 7.20
C HIS A 6 -29.32 -4.35 7.81
N HIS A 7 -29.19 -3.81 9.03
CA HIS A 7 -27.91 -3.77 9.73
C HIS A 7 -28.06 -3.93 11.24
N HIS A 8 -27.55 -5.05 11.74
CA HIS A 8 -27.41 -5.31 13.18
C HIS A 8 -28.62 -4.92 14.03
N GLU A 14 -19.08 -7.25 12.99
CA GLU A 14 -17.94 -6.39 12.66
C GLU A 14 -17.24 -6.87 11.41
N ILE A 15 -17.52 -6.23 10.28
CA ILE A 15 -16.89 -6.63 9.04
C ILE A 15 -15.78 -5.61 8.75
N GLY A 16 -14.54 -6.10 8.67
CA GLY A 16 -13.40 -5.22 8.51
C GLY A 16 -13.42 -4.39 7.24
N THR A 17 -12.98 -3.14 7.35
CA THR A 17 -12.95 -2.24 6.20
C THR A 17 -11.53 -1.97 5.75
N GLY A 18 -10.55 -2.37 6.56
CA GLY A 18 -9.16 -2.14 6.22
C GLY A 18 -8.68 -3.12 5.15
N PHE A 19 -7.56 -2.79 4.53
CA PHE A 19 -6.94 -3.66 3.54
C PHE A 19 -5.48 -3.80 3.91
N PRO A 20 -5.17 -4.67 4.89
CA PRO A 20 -3.83 -4.75 5.47
C PRO A 20 -2.93 -5.71 4.70
N PHE A 21 -2.73 -5.46 3.42
CA PHE A 21 -1.88 -6.32 2.61
C PHE A 21 -0.87 -5.46 1.90
N ASP A 22 0.40 -5.86 1.95
CA ASP A 22 1.43 -5.13 1.24
C ASP A 22 1.22 -5.28 -0.25
N PRO A 23 1.43 -4.18 -1.02
CA PRO A 23 1.26 -4.26 -2.46
C PRO A 23 2.34 -5.10 -3.13
N HIS A 24 1.94 -5.92 -4.10
CA HIS A 24 2.90 -6.59 -4.96
C HIS A 24 2.55 -6.28 -6.40
N TYR A 25 3.56 -6.13 -7.23
CA TYR A 25 3.32 -5.82 -8.64
C TYR A 25 4.11 -6.79 -9.52
N VAL A 26 3.50 -7.20 -10.63
CA VAL A 26 4.20 -8.02 -11.62
C VAL A 26 3.93 -7.50 -13.03
N GLU A 27 4.99 -7.46 -13.84
CA GLU A 27 4.92 -7.01 -15.22
C GLU A 27 4.33 -8.10 -16.09
N VAL A 28 3.20 -7.80 -16.72
CA VAL A 28 2.45 -8.78 -17.50
C VAL A 28 2.03 -8.11 -18.80
N LEU A 29 2.48 -8.64 -19.94
CA LEU A 29 2.13 -8.07 -21.23
C LEU A 29 2.31 -6.54 -21.27
N GLY A 30 3.45 -6.07 -20.78
CA GLY A 30 3.80 -4.66 -20.81
C GLY A 30 3.08 -3.77 -19.80
N GLU A 31 2.36 -4.38 -18.88
CA GLU A 31 1.54 -3.64 -17.91
C GLU A 31 1.82 -4.13 -16.50
N ARG A 32 1.61 -3.28 -15.49
CA ARG A 32 1.78 -3.73 -14.12
C ARG A 32 0.45 -4.21 -13.59
N MSE A 33 0.45 -5.39 -12.99
CA MSE A 33 -0.72 -5.89 -12.27
C MSE A 33 -0.42 -6.01 -10.79
O MSE A 33 0.64 -6.48 -10.38
CB MSE A 33 -1.21 -7.23 -12.84
CG MSE A 33 -1.80 -7.08 -14.25
SE MSE A 33 -2.41 -8.79 -14.99
CE MSE A 33 -3.77 -9.22 -13.64
N HIS A 34 -1.36 -5.52 -9.99
CA HIS A 34 -1.24 -5.54 -8.54
C HIS A 34 -1.86 -6.81 -8.02
N TYR A 35 -1.26 -7.37 -6.95
CA TYR A 35 -1.82 -8.55 -6.33
C TYR A 35 -1.46 -8.66 -4.86
N VAL A 36 -2.35 -9.29 -4.10
CA VAL A 36 -2.07 -9.68 -2.72
C VAL A 36 -1.29 -10.99 -2.78
N ASP A 37 -0.27 -11.14 -1.93
CA ASP A 37 0.48 -12.39 -1.84
C ASP A 37 0.88 -12.57 -0.37
N VAL A 38 0.16 -13.42 0.36
CA VAL A 38 0.44 -13.63 1.78
C VAL A 38 0.41 -15.12 2.11
N GLY A 39 0.65 -15.46 3.37
CA GLY A 39 0.79 -16.85 3.77
C GLY A 39 2.15 -17.43 3.40
N PRO A 40 2.29 -18.76 3.47
CA PRO A 40 3.53 -19.44 3.08
C PRO A 40 4.04 -19.02 1.69
N ARG A 41 5.36 -19.04 1.50
CA ARG A 41 5.95 -18.53 0.26
C ARG A 41 5.97 -19.58 -0.85
N ASP A 42 5.65 -20.81 -0.50
CA ASP A 42 5.62 -21.90 -1.47
C ASP A 42 4.43 -22.83 -1.24
N GLY A 43 4.34 -23.89 -2.04
CA GLY A 43 3.26 -24.84 -1.91
C GLY A 43 2.04 -24.41 -2.70
N THR A 44 1.03 -25.25 -2.76
CA THR A 44 -0.19 -24.94 -3.50
C THR A 44 -0.80 -23.63 -3.03
N PRO A 45 -0.91 -22.65 -3.94
CA PRO A 45 -1.59 -21.41 -3.53
C PRO A 45 -3.10 -21.47 -3.73
N VAL A 46 -3.80 -20.65 -2.97
CA VAL A 46 -5.21 -20.39 -3.19
C VAL A 46 -5.31 -19.08 -3.97
N LEU A 47 -5.87 -19.15 -5.18
CA LEU A 47 -5.96 -18.03 -6.10
C LEU A 47 -7.37 -17.44 -6.08
N PHE A 48 -7.49 -16.21 -5.59
CA PHE A 48 -8.78 -15.54 -5.43
C PHE A 48 -9.03 -14.63 -6.62
N LEU A 49 -10.14 -14.84 -7.33
CA LEU A 49 -10.44 -14.01 -8.49
C LEU A 49 -11.73 -13.23 -8.29
N HIS A 50 -11.60 -11.91 -8.18
CA HIS A 50 -12.76 -11.03 -8.05
C HIS A 50 -13.43 -10.87 -9.40
N GLY A 51 -14.61 -10.26 -9.39
CA GLY A 51 -15.30 -9.97 -10.63
C GLY A 51 -15.64 -8.48 -10.69
N ASN A 52 -16.81 -8.18 -11.22
CA ASN A 52 -17.19 -6.79 -11.28
C ASN A 52 -18.03 -6.35 -10.08
N PRO A 53 -17.95 -5.07 -9.68
CA PRO A 53 -17.02 -3.99 -10.05
C PRO A 53 -15.96 -3.87 -8.96
N THR A 54 -15.38 -5.00 -8.60
CA THR A 54 -14.58 -5.09 -7.40
C THR A 54 -13.09 -5.22 -7.72
N SER A 55 -12.33 -5.70 -6.74
CA SER A 55 -10.88 -5.86 -6.86
C SER A 55 -10.50 -6.84 -5.76
N SER A 56 -9.21 -7.00 -5.49
CA SER A 56 -8.79 -7.92 -4.43
C SER A 56 -9.36 -7.47 -3.07
N TYR A 57 -9.78 -6.21 -2.98
CA TYR A 57 -10.44 -5.70 -1.78
C TYR A 57 -11.63 -6.58 -1.38
N LEU A 58 -12.29 -7.19 -2.37
CA LEU A 58 -13.47 -8.03 -2.12
C LEU A 58 -13.14 -9.21 -1.18
N TRP A 59 -11.88 -9.65 -1.23
CA TRP A 59 -11.46 -10.83 -0.50
C TRP A 59 -10.77 -10.50 0.84
N ARG A 60 -10.77 -9.23 1.23
CA ARG A 60 -9.94 -8.79 2.36
C ARG A 60 -10.28 -9.50 3.67
N ASN A 61 -11.54 -9.89 3.85
CA ASN A 61 -11.96 -10.51 5.11
C ASN A 61 -12.05 -12.03 5.00
N ILE A 62 -11.73 -12.54 3.81
CA ILE A 62 -11.77 -13.97 3.58
C ILE A 62 -10.35 -14.55 3.62
N ILE A 63 -9.43 -13.85 2.97
CA ILE A 63 -8.02 -14.24 2.95
C ILE A 63 -7.40 -14.59 4.33
N PRO A 64 -7.72 -13.81 5.38
CA PRO A 64 -7.09 -14.14 6.67
C PRO A 64 -7.47 -15.50 7.26
N HIS A 65 -8.54 -16.12 6.76
CA HIS A 65 -8.94 -17.44 7.23
C HIS A 65 -8.10 -18.54 6.60
N VAL A 66 -7.48 -18.21 5.48
CA VAL A 66 -6.80 -19.16 4.61
C VAL A 66 -5.29 -18.99 4.69
N ALA A 67 -4.85 -17.75 4.81
CA ALA A 67 -3.43 -17.42 4.89
C ALA A 67 -2.61 -18.14 6.00
N PRO A 68 -3.25 -18.55 7.11
CA PRO A 68 -2.44 -19.34 8.05
C PRO A 68 -1.93 -20.66 7.47
N SER A 69 -2.65 -21.25 6.53
CA SER A 69 -2.31 -22.58 6.02
C SER A 69 -1.73 -22.59 4.61
N HIS A 70 -2.18 -21.65 3.76
CA HIS A 70 -1.85 -21.68 2.34
C HIS A 70 -1.41 -20.32 1.84
N ARG A 71 -0.50 -20.32 0.87
CA ARG A 71 -0.22 -19.09 0.15
C ARG A 71 -1.54 -18.57 -0.43
N CYS A 72 -1.77 -17.27 -0.33
CA CYS A 72 -2.96 -16.65 -0.91
C CYS A 72 -2.53 -15.62 -1.93
N ILE A 73 -3.07 -15.73 -3.14
CA ILE A 73 -2.75 -14.80 -4.20
C ILE A 73 -4.06 -14.22 -4.74
N ALA A 74 -4.16 -12.89 -4.78
CA ALA A 74 -5.39 -12.25 -5.25
C ALA A 74 -5.06 -11.08 -6.17
N PRO A 75 -5.10 -11.31 -7.48
CA PRO A 75 -4.77 -10.24 -8.41
C PRO A 75 -5.91 -9.24 -8.56
N ASP A 76 -5.56 -8.00 -8.90
CA ASP A 76 -6.52 -7.06 -9.44
C ASP A 76 -6.52 -7.25 -10.95
N LEU A 77 -7.68 -7.56 -11.50
CA LEU A 77 -7.81 -7.73 -12.95
C LEU A 77 -7.33 -6.48 -13.66
N ILE A 78 -6.85 -6.65 -14.89
CA ILE A 78 -6.33 -5.54 -15.67
C ILE A 78 -7.41 -4.45 -15.79
N GLY A 79 -7.00 -3.19 -15.61
CA GLY A 79 -7.91 -2.05 -15.66
C GLY A 79 -8.73 -1.87 -14.39
N MSE A 80 -8.46 -2.70 -13.39
CA MSE A 80 -9.24 -2.66 -12.15
C MSE A 80 -8.32 -2.66 -10.95
O MSE A 80 -7.13 -2.93 -11.08
CB MSE A 80 -10.23 -3.84 -12.12
CG MSE A 80 -11.05 -3.95 -13.42
SE MSE A 80 -12.39 -5.37 -13.44
CE MSE A 80 -13.57 -4.61 -12.06
N GLY A 81 -8.88 -2.35 -9.78
CA GLY A 81 -8.09 -2.24 -8.56
C GLY A 81 -6.89 -1.33 -8.76
N LYS A 82 -5.74 -1.81 -8.33
CA LYS A 82 -4.51 -1.04 -8.47
C LYS A 82 -3.67 -1.44 -9.69
N SER A 83 -4.25 -2.28 -10.55
CA SER A 83 -3.55 -2.67 -11.77
C SER A 83 -3.53 -1.54 -12.77
N ASP A 84 -2.62 -1.64 -13.73
CA ASP A 84 -2.52 -0.63 -14.79
C ASP A 84 -3.78 -0.56 -15.63
N LYS A 85 -3.90 0.53 -16.38
CA LYS A 85 -5.09 0.81 -17.20
C LYS A 85 -4.75 1.01 -18.67
N PRO A 86 -4.34 -0.07 -19.36
CA PRO A 86 -4.10 0.06 -20.80
C PRO A 86 -5.36 0.44 -21.57
N ASP A 87 -5.17 0.96 -22.78
CA ASP A 87 -6.28 1.37 -23.61
C ASP A 87 -6.88 0.17 -24.36
N LEU A 88 -7.65 -0.63 -23.63
CA LEU A 88 -8.26 -1.83 -24.19
C LEU A 88 -9.77 -1.66 -24.29
N ASP A 89 -10.41 -2.57 -25.02
CA ASP A 89 -11.87 -2.64 -25.04
C ASP A 89 -12.39 -3.35 -23.78
N TYR A 90 -11.49 -4.09 -23.14
CA TYR A 90 -11.82 -4.78 -21.89
C TYR A 90 -12.93 -5.83 -22.05
N PHE A 91 -12.96 -6.49 -23.20
CA PHE A 91 -13.79 -7.68 -23.38
C PHE A 91 -13.32 -8.75 -22.42
N PHE A 92 -14.15 -9.78 -22.23
CA PHE A 92 -13.75 -10.94 -21.44
C PHE A 92 -12.44 -11.50 -21.98
N ASP A 93 -12.31 -11.56 -23.31
CA ASP A 93 -11.09 -12.07 -23.91
C ASP A 93 -9.83 -11.32 -23.48
N ASP A 94 -9.93 -10.00 -23.30
CA ASP A 94 -8.80 -9.23 -22.77
C ASP A 94 -8.43 -9.70 -21.36
N HIS A 95 -9.44 -9.92 -20.52
CA HIS A 95 -9.19 -10.41 -19.16
C HIS A 95 -8.58 -11.81 -19.15
N VAL A 96 -9.00 -12.64 -20.09
CA VAL A 96 -8.45 -13.99 -20.22
C VAL A 96 -6.97 -13.90 -20.52
N ARG A 97 -6.62 -13.03 -21.45
CA ARG A 97 -5.23 -12.89 -21.89
CA ARG A 97 -5.24 -12.86 -21.89
C ARG A 97 -4.34 -12.43 -20.74
N TYR A 98 -4.78 -11.41 -20.01
CA TYR A 98 -3.99 -10.87 -18.92
C TYR A 98 -3.93 -11.81 -17.73
N LEU A 99 -5.03 -12.48 -17.41
CA LEU A 99 -4.96 -13.40 -16.28
C LEU A 99 -4.07 -14.61 -16.59
N ASP A 100 -4.22 -15.17 -17.79
CA ASP A 100 -3.37 -16.27 -18.24
C ASP A 100 -1.90 -15.90 -18.02
N ALA A 101 -1.54 -14.70 -18.46
CA ALA A 101 -0.14 -14.28 -18.41
C ALA A 101 0.31 -13.96 -16.97
N PHE A 102 -0.61 -13.45 -16.17
CA PHE A 102 -0.36 -13.25 -14.73
C PHE A 102 0.00 -14.56 -14.04
N ILE A 103 -0.80 -15.59 -14.28
CA ILE A 103 -0.56 -16.90 -13.68
C ILE A 103 0.79 -17.46 -14.08
N GLU A 104 1.13 -17.33 -15.37
CA GLU A 104 2.42 -17.81 -15.84
C GLU A 104 3.57 -16.96 -15.32
N ALA A 105 3.35 -15.65 -15.19
CA ALA A 105 4.40 -14.75 -14.69
C ALA A 105 4.79 -15.07 -13.26
N LEU A 106 3.85 -15.61 -12.49
CA LEU A 106 4.11 -15.98 -11.11
C LEU A 106 4.63 -17.41 -11.01
N GLY A 107 4.68 -18.09 -12.14
CA GLY A 107 5.14 -19.47 -12.19
C GLY A 107 4.25 -20.45 -11.44
N LEU A 108 2.96 -20.16 -11.33
CA LEU A 108 2.03 -21.03 -10.61
C LEU A 108 1.82 -22.35 -11.34
N GLU A 109 1.80 -23.44 -10.58
CA GLU A 109 1.55 -24.77 -11.15
C GLU A 109 0.15 -25.24 -10.81
N GLU A 110 0.02 -26.00 -9.72
CA GLU A 110 -1.29 -26.42 -9.25
C GLU A 110 -1.87 -25.35 -8.34
N VAL A 111 -3.18 -25.10 -8.45
CA VAL A 111 -3.81 -24.10 -7.62
C VAL A 111 -5.16 -24.58 -7.09
N VAL A 112 -5.65 -23.89 -6.07
CA VAL A 112 -7.04 -23.98 -5.66
C VAL A 112 -7.65 -22.64 -6.04
N LEU A 113 -8.84 -22.66 -6.65
CA LEU A 113 -9.48 -21.41 -7.08
C LEU A 113 -10.58 -21.00 -6.11
N VAL A 114 -10.67 -19.70 -5.86
CA VAL A 114 -11.81 -19.13 -5.12
C VAL A 114 -12.31 -17.99 -5.96
N ILE A 115 -13.53 -18.11 -6.47
CA ILE A 115 -13.95 -17.26 -7.59
C ILE A 115 -15.36 -16.70 -7.48
N HIS A 116 -15.57 -15.56 -8.12
CA HIS A 116 -16.84 -14.84 -8.05
C HIS A 116 -17.14 -14.08 -9.34
N ASP A 117 -18.38 -14.10 -9.83
CA ASP A 117 -18.81 -13.24 -10.95
C ASP A 117 -17.89 -13.42 -12.19
N TRP A 118 -17.34 -12.34 -12.74
CA TRP A 118 -16.43 -12.49 -13.88
C TRP A 118 -15.14 -13.23 -13.51
N GLY A 119 -14.77 -13.22 -12.24
CA GLY A 119 -13.65 -14.02 -11.78
C GLY A 119 -13.99 -15.50 -11.89
N SER A 120 -15.26 -15.84 -11.74
CA SER A 120 -15.68 -17.23 -11.89
C SER A 120 -15.66 -17.66 -13.34
N ALA A 121 -16.05 -16.78 -14.25
CA ALA A 121 -15.93 -17.10 -15.67
C ALA A 121 -14.46 -17.28 -16.03
N LEU A 122 -13.61 -16.40 -15.55
CA LEU A 122 -12.17 -16.55 -15.76
C LEU A 122 -11.66 -17.86 -15.17
N GLY A 123 -12.06 -18.13 -13.93
CA GLY A 123 -11.61 -19.32 -13.22
C GLY A 123 -12.05 -20.63 -13.84
N PHE A 124 -13.33 -20.71 -14.17
CA PHE A 124 -13.86 -21.93 -14.78
C PHE A 124 -13.25 -22.14 -16.17
N HIS A 125 -13.08 -21.05 -16.92
CA HIS A 125 -12.49 -21.13 -18.26
C HIS A 125 -11.04 -21.57 -18.19
N TRP A 126 -10.32 -21.08 -17.18
CA TRP A 126 -8.93 -21.46 -17.00
C TRP A 126 -8.85 -22.93 -16.57
N ALA A 127 -9.73 -23.32 -15.65
CA ALA A 127 -9.77 -24.71 -15.16
C ALA A 127 -10.05 -25.70 -16.29
N LYS A 128 -11.01 -25.35 -17.16
CA LYS A 128 -11.36 -26.19 -18.30
C LYS A 128 -10.13 -26.44 -19.17
N ARG A 129 -9.33 -25.40 -19.36
CA ARG A 129 -8.18 -25.45 -20.25
C ARG A 129 -6.95 -26.03 -19.57
N ASN A 130 -6.96 -26.04 -18.24
CA ASN A 130 -5.82 -26.55 -17.49
C ASN A 130 -6.27 -27.48 -16.36
N PRO A 131 -7.04 -28.53 -16.70
CA PRO A 131 -7.73 -29.28 -15.65
C PRO A 131 -6.78 -30.02 -14.69
N GLU A 132 -5.57 -30.29 -15.16
CA GLU A 132 -4.58 -30.99 -14.36
C GLU A 132 -3.94 -30.10 -13.28
N ARG A 133 -4.23 -28.81 -13.32
CA ARG A 133 -3.63 -27.85 -12.40
C ARG A 133 -4.61 -27.28 -11.36
N VAL A 134 -5.83 -27.82 -11.30
CA VAL A 134 -6.84 -27.34 -10.37
C VAL A 134 -7.23 -28.40 -9.34
N LYS A 135 -6.87 -28.16 -8.09
CA LYS A 135 -7.08 -29.08 -6.99
C LYS A 135 -8.48 -28.94 -6.39
N GLY A 136 -9.09 -27.78 -6.62
CA GLY A 136 -10.42 -27.54 -6.09
C GLY A 136 -10.94 -26.17 -6.47
N ILE A 137 -12.26 -26.01 -6.45
CA ILE A 137 -12.85 -24.72 -6.79
C ILE A 137 -13.89 -24.33 -5.76
N ALA A 138 -13.67 -23.20 -5.08
CA ALA A 138 -14.71 -22.62 -4.26
C ALA A 138 -15.33 -21.48 -5.08
N CYS A 139 -16.66 -21.44 -5.16
CA CYS A 139 -17.31 -20.43 -6.00
C CYS A 139 -18.58 -19.89 -5.35
N MSE A 140 -19.06 -18.77 -5.88
CA MSE A 140 -20.25 -18.11 -5.33
C MSE A 140 -20.69 -17.08 -6.35
O MSE A 140 -19.85 -16.44 -6.98
CB MSE A 140 -19.91 -17.43 -4.00
CG MSE A 140 -18.77 -16.41 -4.11
SE MSE A 140 -17.67 -16.38 -2.47
CE MSE A 140 -16.52 -17.94 -2.82
N GLU A 141 -22.01 -16.97 -6.54
CA GLU A 141 -22.61 -16.01 -7.48
C GLU A 141 -21.84 -15.97 -8.80
N PHE A 142 -21.75 -17.13 -9.43
CA PHE A 142 -20.97 -17.31 -10.64
C PHE A 142 -21.82 -17.15 -11.89
N ILE A 143 -21.15 -17.00 -13.02
CA ILE A 143 -21.79 -16.75 -14.31
C ILE A 143 -22.15 -18.05 -15.03
N ARG A 144 -23.43 -18.17 -15.35
CA ARG A 144 -23.95 -19.25 -16.18
C ARG A 144 -24.89 -18.59 -17.19
N PRO A 145 -25.25 -19.30 -18.27
CA PRO A 145 -26.13 -18.66 -19.26
C PRO A 145 -27.50 -18.34 -18.69
N ILE A 146 -28.01 -17.16 -19.04
CA ILE A 146 -29.35 -16.73 -18.65
C ILE A 146 -30.22 -16.66 -19.90
N PRO A 147 -31.13 -17.64 -20.05
CA PRO A 147 -31.85 -17.85 -21.32
C PRO A 147 -32.70 -16.65 -21.74
N THR A 148 -33.36 -15.99 -20.79
CA THR A 148 -34.24 -14.87 -21.11
C THR A 148 -34.20 -13.83 -20.01
N TRP A 149 -34.62 -12.61 -20.34
CA TRP A 149 -34.78 -11.57 -19.34
C TRP A 149 -35.85 -11.95 -18.31
N ASP A 150 -36.75 -12.87 -18.67
CA ASP A 150 -37.82 -13.27 -17.74
C ASP A 150 -37.20 -13.77 -16.43
N GLU A 151 -36.05 -14.43 -16.54
CA GLU A 151 -35.37 -15.06 -15.40
C GLU A 151 -34.47 -14.13 -14.62
N TRP A 152 -34.18 -12.96 -15.19
CA TRP A 152 -33.37 -11.96 -14.51
C TRP A 152 -34.30 -11.28 -13.50
N PRO A 153 -33.82 -11.10 -12.26
CA PRO A 153 -34.72 -10.59 -11.21
C PRO A 153 -35.24 -9.18 -11.51
N GLU A 154 -36.53 -8.98 -11.27
CA GLU A 154 -37.20 -7.74 -11.67
C GLU A 154 -36.55 -6.50 -11.07
N PHE A 155 -36.05 -6.58 -9.83
CA PHE A 155 -35.56 -5.36 -9.16
C PHE A 155 -34.42 -4.70 -9.90
N ALA A 156 -33.73 -5.45 -10.75
CA ALA A 156 -32.58 -4.92 -11.48
C ALA A 156 -32.68 -5.14 -12.97
N ARG A 157 -33.88 -5.46 -13.46
CA ARG A 157 -34.03 -5.79 -14.88
C ARG A 157 -33.94 -4.54 -15.77
N GLU A 158 -34.74 -3.52 -15.49
CA GLU A 158 -34.70 -2.32 -16.31
C GLU A 158 -33.31 -1.67 -16.24
N THR A 159 -32.70 -1.73 -15.07
CA THR A 159 -31.35 -1.19 -14.89
C THR A 159 -30.32 -1.89 -15.79
N PHE A 160 -30.31 -3.22 -15.77
CA PHE A 160 -29.30 -3.96 -16.54
C PHE A 160 -29.60 -4.00 -18.03
N GLN A 161 -30.87 -3.94 -18.40
CA GLN A 161 -31.22 -3.73 -19.81
C GLN A 161 -30.71 -2.37 -20.30
N ALA A 162 -30.81 -1.34 -19.45
CA ALA A 162 -30.30 -0.03 -19.84
C ALA A 162 -28.77 -0.05 -19.92
N PHE A 163 -28.11 -0.75 -19.00
CA PHE A 163 -26.66 -0.88 -19.02
C PHE A 163 -26.18 -1.48 -20.33
N ARG A 164 -26.97 -2.40 -20.87
CA ARG A 164 -26.58 -3.14 -22.07
C ARG A 164 -27.01 -2.45 -23.36
N THR A 165 -26.71 -1.15 -23.43
CA THR A 165 -26.89 -0.33 -24.61
C THR A 165 -25.67 0.58 -24.78
N ALA A 166 -25.41 1.00 -26.01
CA ALA A 166 -24.22 1.82 -26.26
C ALA A 166 -24.44 3.31 -25.99
N ASP A 167 -25.70 3.76 -25.95
CA ASP A 167 -25.94 5.16 -25.65
C ASP A 167 -26.29 5.36 -24.19
N VAL A 168 -27.49 4.94 -23.82
CA VAL A 168 -27.98 5.04 -22.45
C VAL A 168 -27.03 4.35 -21.47
N GLY A 169 -26.52 3.18 -21.85
CA GLY A 169 -25.70 2.38 -20.95
C GLY A 169 -24.38 3.03 -20.63
N ARG A 170 -23.75 3.61 -21.66
CA ARG A 170 -22.50 4.33 -21.47
C ARG A 170 -22.72 5.62 -20.66
N GLU A 171 -23.84 6.30 -20.88
CA GLU A 171 -24.16 7.48 -20.07
C GLU A 171 -24.29 7.12 -18.58
N LEU A 172 -25.04 6.06 -18.30
CA LEU A 172 -25.20 5.61 -16.92
C LEU A 172 -23.88 5.17 -16.28
N ILE A 173 -23.17 4.27 -16.94
CA ILE A 173 -22.00 3.64 -16.32
C ILE A 173 -20.73 4.49 -16.38
N ILE A 174 -20.45 5.06 -17.54
CA ILE A 174 -19.25 5.84 -17.71
C ILE A 174 -19.43 7.28 -17.22
N ASP A 175 -20.51 7.94 -17.63
CA ASP A 175 -20.69 9.35 -17.26
C ASP A 175 -21.25 9.56 -15.85
N GLN A 176 -22.16 8.69 -15.41
CA GLN A 176 -22.77 8.83 -14.08
C GLN A 176 -22.24 7.85 -13.04
N ASN A 177 -21.34 6.96 -13.46
CA ASN A 177 -20.75 5.97 -12.54
C ASN A 177 -21.79 5.14 -11.80
N ALA A 178 -22.89 4.86 -12.49
CA ALA A 178 -24.02 4.17 -11.88
C ALA A 178 -23.71 2.74 -11.45
N PHE A 179 -22.69 2.12 -12.01
CA PHE A 179 -22.37 0.76 -11.59
C PHE A 179 -21.75 0.75 -10.19
N ILE A 180 -20.96 1.78 -9.89
CA ILE A 180 -20.34 1.93 -8.58
C ILE A 180 -21.31 2.55 -7.57
N GLU A 181 -22.01 3.62 -7.97
CA GLU A 181 -22.85 4.34 -7.03
C GLU A 181 -24.20 3.68 -6.82
N GLY A 182 -24.62 2.85 -7.78
CA GLY A 182 -25.93 2.26 -7.74
C GLY A 182 -25.92 0.74 -7.60
N ALA A 183 -25.35 0.06 -8.58
CA ALA A 183 -25.41 -1.41 -8.60
C ALA A 183 -24.62 -2.05 -7.46
N LEU A 184 -23.43 -1.52 -7.18
CA LEU A 184 -22.56 -2.05 -6.13
C LEU A 184 -23.26 -2.15 -4.76
N PRO A 185 -23.74 -1.02 -4.18
CA PRO A 185 -24.36 -1.20 -2.87
C PRO A 185 -25.67 -1.99 -2.92
N MSE A 186 -26.32 -2.00 -4.08
CA MSE A 186 -27.53 -2.79 -4.29
C MSE A 186 -27.25 -4.31 -4.23
O MSE A 186 -28.16 -5.10 -3.96
CB MSE A 186 -28.17 -2.41 -5.64
CG MSE A 186 -29.38 -3.22 -6.03
SE MSE A 186 -30.15 -2.55 -7.72
CE MSE A 186 -28.97 -3.35 -9.02
N GLY A 187 -26.02 -4.71 -4.47
CA GLY A 187 -25.66 -6.12 -4.46
C GLY A 187 -25.26 -6.67 -3.11
N VAL A 188 -25.40 -5.85 -2.06
CA VAL A 188 -25.09 -6.28 -0.70
C VAL A 188 -26.32 -6.08 0.17
N VAL A 189 -26.66 -7.06 1.00
CA VAL A 189 -27.83 -6.92 1.88
C VAL A 189 -27.60 -5.84 2.94
N ARG A 190 -26.53 -5.96 3.72
CA ARG A 190 -26.21 -4.93 4.69
C ARG A 190 -25.73 -3.66 3.96
N PRO A 191 -25.77 -2.50 4.63
CA PRO A 191 -25.32 -1.28 3.94
C PRO A 191 -23.79 -1.12 3.95
N LEU A 192 -23.21 -1.01 2.76
CA LEU A 192 -21.79 -0.72 2.64
C LEU A 192 -21.49 0.64 3.24
N THR A 193 -20.37 0.76 3.93
CA THR A 193 -19.99 2.02 4.56
C THR A 193 -19.27 2.91 3.57
N GLU A 194 -19.17 4.20 3.88
CA GLU A 194 -18.44 5.15 3.04
C GLU A 194 -17.00 4.74 2.82
N VAL A 195 -16.39 4.20 3.87
CA VAL A 195 -15.01 3.74 3.79
C VAL A 195 -14.85 2.59 2.77
N GLU A 196 -15.76 1.62 2.84
CA GLU A 196 -15.74 0.49 1.90
C GLU A 196 -16.02 0.97 0.49
N MSE A 197 -17.03 1.83 0.35
CA MSE A 197 -17.35 2.39 -0.94
CA MSE A 197 -17.34 2.39 -0.95
C MSE A 197 -16.18 3.17 -1.54
O MSE A 197 -15.93 3.10 -2.75
CB MSE A 197 -18.59 3.27 -0.87
CB MSE A 197 -18.54 3.31 -0.85
CG MSE A 197 -19.88 2.48 -0.69
CG MSE A 197 -19.72 2.59 -0.34
SE MSE A 197 -20.37 1.53 -2.33
SE MSE A 197 -20.74 1.98 -1.83
CE MSE A 197 -20.97 3.08 -3.37
CE MSE A 197 -22.21 3.07 -1.38
N ASP A 198 -15.46 3.90 -0.70
CA ASP A 198 -14.33 4.70 -1.20
C ASP A 198 -13.21 3.79 -1.70
N HIS A 199 -13.03 2.66 -1.06
CA HIS A 199 -12.07 1.68 -1.57
C HIS A 199 -12.50 1.20 -2.95
N TYR A 200 -13.79 0.92 -3.11
CA TYR A 200 -14.29 0.47 -4.41
C TYR A 200 -14.30 1.58 -5.49
N ARG A 201 -14.47 2.82 -5.05
CA ARG A 201 -14.54 3.97 -5.97
C ARG A 201 -13.16 4.31 -6.50
N GLU A 202 -12.12 3.98 -5.72
CA GLU A 202 -10.77 4.47 -6.00
C GLU A 202 -10.29 4.30 -7.46
N PRO A 203 -10.46 3.10 -8.06
CA PRO A 203 -9.93 2.92 -9.42
C PRO A 203 -10.73 3.65 -10.50
N PHE A 204 -11.90 4.19 -10.14
CA PHE A 204 -12.83 4.72 -11.15
C PHE A 204 -13.22 6.19 -10.95
N LEU A 205 -12.36 6.93 -10.27
CA LEU A 205 -12.62 8.36 -10.03
C LEU A 205 -12.78 9.16 -11.32
N LYS A 206 -12.08 8.76 -12.37
CA LYS A 206 -12.16 9.43 -13.67
C LYS A 206 -13.04 8.65 -14.63
N PRO A 207 -14.01 9.34 -15.27
CA PRO A 207 -14.90 8.69 -16.23
C PRO A 207 -14.17 7.85 -17.28
N VAL A 208 -13.02 8.32 -17.75
CA VAL A 208 -12.31 7.62 -18.82
C VAL A 208 -11.85 6.22 -18.39
N ASP A 209 -11.72 6.01 -17.09
CA ASP A 209 -11.23 4.72 -16.57
C ASP A 209 -12.34 3.71 -16.33
N ARG A 210 -13.57 4.04 -16.74
CA ARG A 210 -14.72 3.19 -16.45
C ARG A 210 -15.09 2.21 -17.56
N GLU A 211 -14.33 2.19 -18.66
CA GLU A 211 -14.59 1.23 -19.74
C GLU A 211 -14.80 -0.21 -19.26
N PRO A 212 -13.94 -0.72 -18.35
CA PRO A 212 -14.16 -2.11 -17.91
C PRO A 212 -15.55 -2.33 -17.30
N LEU A 213 -16.07 -1.30 -16.62
CA LEU A 213 -17.34 -1.41 -15.91
C LEU A 213 -18.52 -1.45 -16.85
N TRP A 214 -18.36 -0.87 -18.04
CA TRP A 214 -19.43 -0.90 -19.04
C TRP A 214 -19.38 -2.19 -19.86
N ARG A 215 -18.17 -2.60 -20.24
CA ARG A 215 -18.07 -3.78 -21.09
C ARG A 215 -18.52 -5.06 -20.38
N LEU A 216 -18.26 -5.17 -19.09
CA LEU A 216 -18.58 -6.43 -18.40
C LEU A 216 -20.08 -6.77 -18.36
N PRO A 217 -20.94 -5.82 -17.97
CA PRO A 217 -22.37 -6.18 -18.06
C PRO A 217 -22.81 -6.45 -19.50
N ASN A 218 -22.13 -5.85 -20.47
CA ASN A 218 -22.44 -6.12 -21.87
C ASN A 218 -21.90 -7.43 -22.39
N GLU A 219 -21.09 -8.10 -21.57
CA GLU A 219 -20.56 -9.44 -21.87
C GLU A 219 -21.39 -10.56 -21.22
N LEU A 220 -22.28 -10.24 -20.28
CA LEU A 220 -23.07 -11.30 -19.63
C LEU A 220 -23.87 -12.09 -20.67
N PRO A 221 -23.89 -13.44 -20.54
CA PRO A 221 -24.63 -14.29 -21.48
C PRO A 221 -26.12 -14.28 -21.18
N ILE A 222 -26.83 -13.32 -21.79
CA ILE A 222 -28.25 -13.16 -21.55
C ILE A 222 -29.02 -13.20 -22.87
N ALA A 223 -29.98 -14.12 -22.95
CA ALA A 223 -30.80 -14.27 -24.15
C ALA A 223 -29.96 -14.52 -25.40
N GLY A 224 -28.90 -15.31 -25.25
CA GLY A 224 -28.11 -15.75 -26.39
C GLY A 224 -27.06 -14.77 -26.88
N GLU A 225 -26.90 -13.64 -26.20
CA GLU A 225 -25.96 -12.60 -26.62
C GLU A 225 -25.11 -12.11 -25.44
N PRO A 226 -23.82 -11.84 -25.69
CA PRO A 226 -23.15 -12.08 -26.98
C PRO A 226 -22.89 -13.56 -27.21
N ALA A 227 -23.01 -14.00 -28.45
CA ALA A 227 -22.93 -15.42 -28.76
C ALA A 227 -21.59 -16.06 -28.36
N ASN A 228 -20.48 -15.34 -28.52
CA ASN A 228 -19.20 -15.93 -28.17
C ASN A 228 -19.10 -16.24 -26.68
N ILE A 229 -19.63 -15.35 -25.84
CA ILE A 229 -19.62 -15.58 -24.41
C ILE A 229 -20.58 -16.71 -24.04
N VAL A 230 -21.76 -16.73 -24.67
CA VAL A 230 -22.71 -17.80 -24.39
C VAL A 230 -22.08 -19.16 -24.64
N ALA A 231 -21.36 -19.28 -25.75
CA ALA A 231 -20.75 -20.56 -26.13
C ALA A 231 -19.64 -20.95 -25.17
N LEU A 232 -18.84 -19.96 -24.78
CA LEU A 232 -17.70 -20.17 -23.88
C LEU A 232 -18.20 -20.61 -22.51
N VAL A 233 -19.26 -19.95 -22.02
CA VAL A 233 -19.82 -20.26 -20.71
C VAL A 233 -20.50 -21.63 -20.71
N GLU A 234 -21.20 -21.93 -21.80
CA GLU A 234 -21.79 -23.27 -21.94
C GLU A 234 -20.69 -24.33 -21.92
N ALA A 235 -19.57 -24.05 -22.56
CA ALA A 235 -18.45 -24.99 -22.60
C ALA A 235 -17.90 -25.26 -21.20
N TYR A 236 -17.69 -24.22 -20.40
CA TYR A 236 -17.15 -24.50 -19.07
C TYR A 236 -18.20 -25.07 -18.12
N MSE A 237 -19.47 -24.79 -18.37
CA MSE A 237 -20.52 -25.40 -17.58
C MSE A 237 -20.61 -26.90 -17.90
O MSE A 237 -20.79 -27.72 -17.01
CB MSE A 237 -21.88 -24.72 -17.76
CG MSE A 237 -21.98 -23.33 -17.14
SE MSE A 237 -21.45 -23.23 -15.25
CE MSE A 237 -22.86 -24.37 -14.51
N ASN A 238 -20.47 -27.25 -19.19
CA ASN A 238 -20.41 -28.66 -19.58
C ASN A 238 -19.21 -29.35 -18.94
N TRP A 239 -18.06 -28.65 -18.93
CA TRP A 239 -16.86 -29.18 -18.28
C TRP A 239 -17.12 -29.43 -16.80
N LEU A 240 -17.74 -28.46 -16.13
CA LEU A 240 -17.96 -28.54 -14.70
C LEU A 240 -18.87 -29.72 -14.31
N HIS A 241 -19.87 -30.00 -15.14
CA HIS A 241 -20.84 -31.06 -14.86
C HIS A 241 -20.23 -32.46 -14.96
N GLN A 242 -19.10 -32.58 -15.64
CA GLN A 242 -18.46 -33.89 -15.82
C GLN A 242 -17.13 -34.01 -15.09
N SER A 243 -16.72 -32.92 -14.43
CA SER A 243 -15.43 -32.91 -13.75
C SER A 243 -15.54 -33.41 -12.32
N PRO A 244 -14.59 -34.28 -11.91
CA PRO A 244 -14.61 -34.70 -10.50
C PRO A 244 -13.92 -33.74 -9.56
N VAL A 245 -13.52 -32.55 -10.04
CA VAL A 245 -12.81 -31.60 -9.19
C VAL A 245 -13.67 -31.25 -7.97
N PRO A 246 -13.06 -31.22 -6.77
CA PRO A 246 -13.84 -30.82 -5.60
C PRO A 246 -14.37 -29.40 -5.72
N LYS A 247 -15.65 -29.23 -5.39
CA LYS A 247 -16.32 -27.94 -5.53
C LYS A 247 -16.98 -27.54 -4.22
N LEU A 248 -16.81 -26.29 -3.83
CA LEU A 248 -17.51 -25.72 -2.68
C LEU A 248 -18.31 -24.53 -3.19
N LEU A 249 -19.64 -24.58 -3.07
CA LEU A 249 -20.50 -23.52 -3.59
C LEU A 249 -21.20 -22.77 -2.46
N PHE A 250 -20.91 -21.48 -2.32
CA PHE A 250 -21.57 -20.64 -1.32
C PHE A 250 -22.75 -19.95 -1.98
N TRP A 251 -23.88 -19.90 -1.29
CA TRP A 251 -25.06 -19.29 -1.87
C TRP A 251 -25.83 -18.54 -0.79
N GLY A 252 -26.59 -17.53 -1.20
CA GLY A 252 -27.37 -16.75 -0.26
C GLY A 252 -28.83 -16.74 -0.64
N THR A 253 -29.65 -16.14 0.22
CA THR A 253 -31.07 -15.97 -0.03
C THR A 253 -31.37 -14.48 0.00
N PRO A 254 -31.95 -13.96 -1.10
CA PRO A 254 -32.44 -14.69 -2.26
C PRO A 254 -31.37 -14.94 -3.32
N GLY A 255 -30.16 -14.42 -3.10
CA GLY A 255 -29.11 -14.46 -4.09
C GLY A 255 -29.53 -13.69 -5.32
N VAL A 256 -28.71 -13.73 -6.37
CA VAL A 256 -29.02 -13.04 -7.61
C VAL A 256 -28.70 -13.95 -8.79
N LEU A 257 -27.43 -14.23 -9.01
CA LEU A 257 -27.05 -15.11 -10.11
C LEU A 257 -27.33 -16.58 -9.80
N ILE A 258 -27.21 -16.94 -8.53
CA ILE A 258 -27.44 -18.31 -8.07
C ILE A 258 -28.47 -18.33 -6.92
N PRO A 259 -29.76 -18.31 -7.29
CA PRO A 259 -30.83 -18.42 -6.28
C PRO A 259 -30.74 -19.78 -5.54
N PRO A 260 -31.38 -19.87 -4.35
CA PRO A 260 -31.38 -21.12 -3.57
C PRO A 260 -31.79 -22.36 -4.38
N ALA A 261 -32.76 -22.23 -5.27
CA ALA A 261 -33.21 -23.38 -6.05
C ALA A 261 -32.14 -23.84 -7.02
N GLU A 262 -31.41 -22.90 -7.61
CA GLU A 262 -30.30 -23.23 -8.50
C GLU A 262 -29.14 -23.89 -7.74
N ALA A 263 -28.85 -23.38 -6.55
CA ALA A 263 -27.83 -23.99 -5.70
C ALA A 263 -28.19 -25.45 -5.42
N ALA A 264 -29.45 -25.69 -5.08
CA ALA A 264 -29.90 -27.06 -4.79
C ALA A 264 -29.74 -27.98 -6.00
N ARG A 265 -30.06 -27.48 -7.19
CA ARG A 265 -29.92 -28.27 -8.41
C ARG A 265 -28.46 -28.63 -8.63
N LEU A 266 -27.58 -27.64 -8.46
CA LEU A 266 -26.15 -27.82 -8.70
C LEU A 266 -25.54 -28.79 -7.67
N ALA A 267 -26.10 -28.81 -6.48
CA ALA A 267 -25.66 -29.72 -5.43
C ALA A 267 -25.76 -31.18 -5.90
N GLU A 268 -26.70 -31.43 -6.81
CA GLU A 268 -26.92 -32.77 -7.36
C GLU A 268 -26.24 -32.95 -8.71
N SER A 269 -26.26 -31.90 -9.53
CA SER A 269 -25.75 -32.02 -10.91
C SER A 269 -24.24 -31.81 -11.05
N LEU A 270 -23.60 -31.22 -10.04
CA LEU A 270 -22.15 -31.06 -10.08
C LEU A 270 -21.50 -32.12 -9.24
N PRO A 271 -20.59 -32.91 -9.83
CA PRO A 271 -19.93 -33.96 -9.06
C PRO A 271 -19.10 -33.38 -7.91
N ASN A 272 -19.04 -34.10 -6.79
CA ASN A 272 -18.14 -33.73 -5.71
CA ASN A 272 -18.18 -33.74 -5.67
C ASN A 272 -18.38 -32.29 -5.25
N CYS A 273 -19.65 -31.92 -5.10
CA CYS A 273 -20.00 -30.54 -4.77
C CYS A 273 -20.61 -30.43 -3.38
N LYS A 274 -20.02 -29.58 -2.54
CA LYS A 274 -20.58 -29.27 -1.22
C LYS A 274 -21.15 -27.87 -1.29
N THR A 275 -22.33 -27.66 -0.73
CA THR A 275 -22.89 -26.30 -0.73
C THR A 275 -22.97 -25.75 0.70
N VAL A 276 -22.87 -24.43 0.79
CA VAL A 276 -22.95 -23.73 2.06
C VAL A 276 -23.91 -22.54 1.95
N ASP A 277 -24.94 -22.56 2.80
CA ASP A 277 -25.92 -21.48 2.93
C ASP A 277 -25.33 -20.36 3.80
N ILE A 278 -25.13 -19.17 3.25
CA ILE A 278 -24.54 -18.09 4.08
C ILE A 278 -25.59 -17.21 4.74
N GLY A 279 -26.85 -17.49 4.45
CA GLY A 279 -27.94 -16.69 4.97
C GLY A 279 -28.34 -15.59 4.01
N PRO A 280 -28.76 -14.43 4.54
CA PRO A 280 -29.13 -13.31 3.64
C PRO A 280 -27.98 -12.94 2.72
N GLY A 281 -28.28 -12.79 1.44
CA GLY A 281 -27.25 -12.44 0.50
C GLY A 281 -27.86 -12.19 -0.86
N LEU A 282 -27.23 -11.31 -1.61
CA LEU A 282 -27.63 -11.03 -2.97
C LEU A 282 -26.49 -11.39 -3.91
N PHE A 283 -25.65 -10.41 -4.25
CA PHE A 283 -24.59 -10.64 -5.23
C PHE A 283 -23.19 -10.75 -4.60
N LEU A 284 -22.82 -9.75 -3.81
CA LEU A 284 -21.52 -9.76 -3.15
C LEU A 284 -21.61 -10.47 -1.81
N LEU A 285 -21.73 -11.80 -1.85
CA LEU A 285 -21.87 -12.59 -0.62
C LEU A 285 -20.73 -12.34 0.37
N GLN A 286 -19.55 -12.03 -0.17
CA GLN A 286 -18.35 -11.77 0.64
C GLN A 286 -18.52 -10.59 1.59
N GLU A 287 -19.42 -9.68 1.24
CA GLU A 287 -19.70 -8.49 2.05
C GLU A 287 -20.79 -8.70 3.08
N ASP A 288 -21.56 -9.79 2.96
CA ASP A 288 -22.58 -10.09 3.96
C ASP A 288 -22.13 -11.11 5.02
N ASN A 289 -21.37 -12.12 4.60
CA ASN A 289 -20.92 -13.12 5.56
C ASN A 289 -19.52 -13.62 5.27
N PRO A 290 -18.52 -12.72 5.30
CA PRO A 290 -17.13 -13.17 5.06
C PRO A 290 -16.63 -14.20 6.07
N ASP A 291 -17.06 -14.12 7.33
CA ASP A 291 -16.59 -15.06 8.36
C ASP A 291 -16.90 -16.52 7.96
N LEU A 292 -18.14 -16.77 7.58
CA LEU A 292 -18.54 -18.13 7.25
C LEU A 292 -17.88 -18.60 5.95
N ILE A 293 -17.77 -17.69 4.99
CA ILE A 293 -17.14 -18.03 3.72
C ILE A 293 -15.67 -18.42 3.97
N GLY A 294 -14.95 -17.56 4.69
CA GLY A 294 -13.56 -17.82 5.04
C GLY A 294 -13.38 -19.10 5.84
N SER A 295 -14.13 -19.23 6.93
CA SER A 295 -13.99 -20.40 7.79
C SER A 295 -14.31 -21.72 7.09
N GLU A 296 -15.29 -21.70 6.19
CA GLU A 296 -15.68 -22.92 5.48
C GLU A 296 -14.69 -23.29 4.38
N ILE A 297 -14.10 -22.30 3.73
CA ILE A 297 -12.98 -22.55 2.82
C ILE A 297 -11.83 -23.21 3.57
N ALA A 298 -11.52 -22.66 4.74
CA ALA A 298 -10.45 -23.22 5.58
C ALA A 298 -10.75 -24.66 6.01
N ARG A 299 -12.00 -24.96 6.33
CA ARG A 299 -12.38 -26.31 6.75
C ARG A 299 -12.29 -27.31 5.59
N TRP A 300 -12.45 -26.80 4.37
CA TRP A 300 -12.52 -27.61 3.16
C TRP A 300 -11.14 -27.95 2.60
N LEU A 301 -10.19 -27.03 2.79
CA LEU A 301 -8.85 -27.20 2.20
C LEU A 301 -8.09 -28.48 2.59
N PRO A 302 -8.12 -28.89 3.88
CA PRO A 302 -7.28 -30.05 4.24
C PRO A 302 -7.67 -31.31 3.49
N GLY A 303 -8.94 -31.42 3.11
CA GLY A 303 -9.45 -32.58 2.42
C GLY A 303 -9.01 -32.71 0.98
N LEU A 304 -8.36 -31.66 0.46
CA LEU A 304 -7.99 -31.59 -0.95
C LEU A 304 -6.64 -32.24 -1.30
N ALA A 305 -5.71 -32.26 -0.34
CA ALA A 305 -4.35 -32.73 -0.62
C ALA A 305 -3.67 -33.28 0.65
N GLY A 306 -2.52 -33.91 0.47
CA GLY A 306 -1.76 -34.41 1.61
C GLY A 306 -1.89 -35.91 1.82
N HIS B 4 -15.20 15.48 0.38
CA HIS B 4 -16.39 15.62 -0.46
C HIS B 4 -16.43 14.52 -1.51
N HIS B 5 -17.57 13.83 -1.61
CA HIS B 5 -17.72 12.75 -2.57
C HIS B 5 -18.42 13.24 -3.83
N HIS B 6 -17.67 13.26 -4.93
CA HIS B 6 -18.22 13.75 -6.19
C HIS B 6 -19.12 12.72 -6.84
N HIS B 7 -20.07 13.23 -7.61
CA HIS B 7 -21.02 12.39 -8.32
C HIS B 7 -21.67 13.24 -9.41
N HIS B 8 -22.19 12.58 -10.44
CA HIS B 8 -22.89 13.27 -11.51
C HIS B 8 -24.02 12.39 -12.02
N SER B 9 -25.17 13.00 -12.30
CA SER B 9 -26.32 12.27 -12.86
C SER B 9 -26.66 12.82 -14.23
N SER B 13 26.90 29.14 -1.08
CA SER B 13 27.76 30.14 -0.46
C SER B 13 27.32 30.43 0.98
N GLU B 14 26.65 31.57 1.20
CA GLU B 14 26.20 31.94 2.54
C GLU B 14 25.03 31.08 2.99
N ILE B 15 25.03 30.72 4.27
CA ILE B 15 24.02 29.80 4.82
C ILE B 15 23.36 30.40 6.05
N GLY B 16 22.03 30.53 6.00
CA GLY B 16 21.27 31.17 7.06
C GLY B 16 21.34 30.46 8.39
N THR B 17 21.43 31.24 9.47
CA THR B 17 21.52 30.66 10.82
C THR B 17 20.24 30.90 11.61
N GLY B 18 19.36 31.76 11.08
CA GLY B 18 18.10 32.08 11.74
C GLY B 18 17.04 31.01 11.55
N PHE B 19 16.01 31.06 12.39
CA PHE B 19 14.87 30.15 12.29
C PHE B 19 13.60 30.97 12.29
N PRO B 20 13.27 31.59 11.14
CA PRO B 20 12.16 32.54 11.07
C PRO B 20 10.85 31.83 10.79
N PHE B 21 10.45 30.96 11.72
CA PHE B 21 9.21 30.23 11.57
C PHE B 21 8.36 30.37 12.82
N ASP B 22 7.05 30.46 12.61
CA ASP B 22 6.08 30.42 13.69
C ASP B 22 6.10 29.07 14.38
N PRO B 23 6.14 29.06 15.72
CA PRO B 23 5.98 27.75 16.36
C PRO B 23 4.53 27.28 16.27
N HIS B 24 4.33 25.98 16.12
CA HIS B 24 3.01 25.39 16.24
C HIS B 24 3.12 24.20 17.15
N TYR B 25 2.05 23.92 17.90
CA TYR B 25 2.04 22.79 18.80
C TYR B 25 0.79 21.98 18.59
N VAL B 26 0.92 20.66 18.71
CA VAL B 26 -0.24 19.79 18.68
C VAL B 26 -0.11 18.77 19.80
N GLU B 27 -1.22 18.47 20.48
CA GLU B 27 -1.24 17.47 21.54
C GLU B 27 -1.30 16.07 20.96
N VAL B 28 -0.28 15.27 21.28
CA VAL B 28 -0.11 13.95 20.72
C VAL B 28 0.22 12.96 21.84
N LEU B 29 -0.63 11.94 22.01
CA LEU B 29 -0.39 10.91 23.01
C LEU B 29 0.00 11.50 24.37
N GLY B 30 -0.72 12.52 24.80
CA GLY B 30 -0.54 13.12 26.11
C GLY B 30 0.64 14.06 26.22
N GLU B 31 1.31 14.31 25.09
CA GLU B 31 2.50 15.17 25.07
C GLU B 31 2.37 16.21 23.96
N ARG B 32 3.05 17.34 24.14
CA ARG B 32 3.00 18.40 23.14
C ARG B 32 4.15 18.27 22.16
N MSE B 33 3.83 18.28 20.87
CA MSE B 33 4.87 18.25 19.83
C MSE B 33 4.90 19.56 19.06
O MSE B 33 3.87 20.10 18.68
CB MSE B 33 4.69 17.06 18.89
CG MSE B 33 5.09 15.73 19.52
SE MSE B 33 4.77 14.18 18.38
CE MSE B 33 6.11 14.50 16.96
N HIS B 34 6.11 20.07 18.86
CA HIS B 34 6.33 21.29 18.10
C HIS B 34 6.52 20.97 16.61
N TYR B 35 6.06 21.86 15.74
CA TYR B 35 6.28 21.64 14.29
C TYR B 35 6.23 22.95 13.53
N VAL B 36 6.96 23.01 12.43
CA VAL B 36 6.89 24.10 11.47
C VAL B 36 5.71 23.78 10.56
N ASP B 37 4.95 24.81 10.16
CA ASP B 37 3.85 24.62 9.23
C ASP B 37 3.69 25.90 8.42
N VAL B 38 4.23 25.91 7.21
CA VAL B 38 4.19 27.08 6.34
C VAL B 38 3.73 26.70 4.93
N GLY B 39 3.39 27.71 4.13
CA GLY B 39 2.92 27.46 2.77
C GLY B 39 1.41 27.34 2.71
N PRO B 40 0.88 26.99 1.53
CA PRO B 40 -0.56 26.88 1.27
C PRO B 40 -1.25 25.92 2.25
N ARG B 41 -2.51 26.20 2.60
CA ARG B 41 -3.22 25.40 3.58
C ARG B 41 -3.75 24.05 3.08
N ASP B 42 -3.81 23.90 1.76
CA ASP B 42 -4.28 22.63 1.20
C ASP B 42 -3.33 22.13 0.13
N GLY B 43 -3.75 21.10 -0.60
CA GLY B 43 -2.87 20.45 -1.56
C GLY B 43 -2.07 19.36 -0.88
N THR B 44 -1.03 18.89 -1.55
CA THR B 44 -0.20 17.84 -1.01
C THR B 44 0.88 18.46 -0.13
N PRO B 45 0.90 18.14 1.16
CA PRO B 45 1.95 18.70 2.00
C PRO B 45 3.27 17.95 1.84
N VAL B 46 4.36 18.66 2.07
CA VAL B 46 5.69 18.06 2.11
C VAL B 46 6.10 17.93 3.58
N LEU B 47 6.29 16.68 4.02
CA LEU B 47 6.62 16.38 5.40
C LEU B 47 8.12 16.16 5.55
N PHE B 48 8.78 17.04 6.30
CA PHE B 48 10.24 16.98 6.49
C PHE B 48 10.55 16.33 7.83
N LEU B 49 11.32 15.24 7.79
CA LEU B 49 11.63 14.49 9.00
C LEU B 49 13.14 14.49 9.28
N HIS B 50 13.53 15.17 10.35
CA HIS B 50 14.91 15.22 10.79
C HIS B 50 15.26 13.93 11.50
N GLY B 51 16.54 13.74 11.80
CA GLY B 51 16.96 12.62 12.60
C GLY B 51 17.83 13.10 13.75
N ASN B 52 18.87 12.35 14.04
CA ASN B 52 19.76 12.73 15.11
C ASN B 52 20.96 13.56 14.65
N PRO B 53 21.44 14.48 15.49
CA PRO B 53 20.90 14.96 16.77
C PRO B 53 20.21 16.29 16.53
N THR B 54 19.33 16.33 15.53
CA THR B 54 18.85 17.59 15.03
C THR B 54 17.40 17.83 15.38
N SER B 55 16.76 18.71 14.62
CA SER B 55 15.36 19.10 14.85
C SER B 55 14.91 19.74 13.55
N SER B 56 13.74 20.38 13.56
CA SER B 56 13.27 21.04 12.35
C SER B 56 14.21 22.17 11.93
N TYR B 57 15.07 22.60 12.85
CA TYR B 57 16.12 23.58 12.54
C TYR B 57 16.96 23.10 11.35
N LEU B 58 17.09 21.78 11.21
CA LEU B 58 17.86 21.20 10.11
C LEU B 58 17.33 21.61 8.74
N TRP B 59 16.04 21.87 8.64
CA TRP B 59 15.42 22.12 7.35
C TRP B 59 15.21 23.60 7.08
N ARG B 60 15.75 24.46 7.95
CA ARG B 60 15.45 25.89 7.91
C ARG B 60 15.78 26.58 6.58
N ASN B 61 16.81 26.08 5.89
CA ASN B 61 17.23 26.72 4.63
C ASN B 61 16.76 25.97 3.40
N ILE B 62 16.05 24.87 3.63
CA ILE B 62 15.51 24.08 2.54
C ILE B 62 14.03 24.38 2.36
N ILE B 63 13.30 24.45 3.47
CA ILE B 63 11.88 24.81 3.46
C ILE B 63 11.48 26.05 2.62
N PRO B 64 12.25 27.16 2.70
CA PRO B 64 11.86 28.34 1.93
C PRO B 64 11.80 28.13 0.42
N HIS B 65 12.50 27.12 -0.08
CA HIS B 65 12.46 26.82 -1.51
C HIS B 65 11.13 26.15 -1.88
N VAL B 66 10.52 25.48 -0.91
CA VAL B 66 9.37 24.62 -1.16
C VAL B 66 8.08 25.33 -0.79
N ALA B 67 8.11 26.11 0.29
CA ALA B 67 6.93 26.84 0.78
C ALA B 67 6.12 27.67 -0.25
N PRO B 68 6.79 28.26 -1.26
CA PRO B 68 5.98 29.01 -2.23
C PRO B 68 4.94 28.15 -2.99
N SER B 69 5.18 26.85 -3.09
CA SER B 69 4.32 26.00 -3.90
C SER B 69 3.58 24.92 -3.09
N HIS B 70 4.16 24.51 -1.96
CA HIS B 70 3.57 23.43 -1.18
C HIS B 70 3.57 23.74 0.31
N ARG B 71 2.54 23.26 1.01
CA ARG B 71 2.56 23.27 2.47
C ARG B 71 3.80 22.52 2.95
N CYS B 72 4.52 23.10 3.91
CA CYS B 72 5.69 22.45 4.49
C CYS B 72 5.46 22.17 5.96
N ILE B 73 5.57 20.91 6.35
CA ILE B 73 5.38 20.49 7.73
C ILE B 73 6.65 19.82 8.24
N ALA B 74 7.20 20.32 9.35
CA ALA B 74 8.43 19.75 9.88
C ALA B 74 8.34 19.60 11.40
N PRO B 75 7.99 18.39 11.88
CA PRO B 75 7.86 18.14 13.32
C PRO B 75 9.21 17.99 14.01
N ASP B 76 9.27 18.36 15.29
CA ASP B 76 10.37 17.96 16.16
C ASP B 76 9.98 16.64 16.81
N LEU B 77 10.81 15.61 16.60
CA LEU B 77 10.55 14.28 17.15
C LEU B 77 10.42 14.38 18.65
N ILE B 78 9.69 13.43 19.23
CA ILE B 78 9.45 13.45 20.68
C ILE B 78 10.78 13.44 21.44
N GLY B 79 10.86 14.23 22.51
CA GLY B 79 12.09 14.38 23.26
C GLY B 79 13.18 15.22 22.58
N MSE B 80 12.87 15.79 21.43
CA MSE B 80 13.86 16.56 20.67
C MSE B 80 13.30 17.91 20.23
O MSE B 80 12.09 18.13 20.26
CB MSE B 80 14.33 15.71 19.46
CG MSE B 80 14.88 14.35 19.90
SE MSE B 80 15.47 13.25 18.39
CE MSE B 80 17.14 14.20 18.00
N GLY B 81 14.17 18.83 19.81
CA GLY B 81 13.74 20.16 19.42
C GLY B 81 12.93 20.82 20.53
N LYS B 82 11.80 21.41 20.16
CA LYS B 82 10.90 22.05 21.12
C LYS B 82 9.73 21.15 21.53
N SER B 83 9.77 19.88 21.16
CA SER B 83 8.73 18.95 21.60
C SER B 83 8.89 18.59 23.08
N ASP B 84 7.82 18.10 23.70
CA ASP B 84 7.88 17.70 25.10
C ASP B 84 8.87 16.56 25.32
N LYS B 85 9.20 16.34 26.58
CA LYS B 85 10.20 15.34 26.96
C LYS B 85 9.64 14.31 27.94
N PRO B 86 8.79 13.42 27.45
CA PRO B 86 8.26 12.40 28.35
C PRO B 86 9.37 11.47 28.87
N ASP B 87 9.04 10.74 29.93
CA ASP B 87 10.01 9.92 30.62
C ASP B 87 10.06 8.55 29.95
N LEU B 88 10.67 8.51 28.76
CA LEU B 88 10.74 7.32 27.93
C LEU B 88 12.18 6.83 27.78
N ASP B 89 12.35 5.66 27.19
CA ASP B 89 13.68 5.15 26.88
C ASP B 89 14.10 5.61 25.49
N TYR B 90 13.12 6.09 24.73
CA TYR B 90 13.37 6.72 23.42
C TYR B 90 13.94 5.76 22.38
N PHE B 91 13.42 4.53 22.39
CA PHE B 91 13.68 3.57 21.34
C PHE B 91 13.05 4.07 20.03
N PHE B 92 13.47 3.47 18.93
CA PHE B 92 12.86 3.78 17.64
C PHE B 92 11.34 3.58 17.71
N ASP B 93 10.90 2.53 18.41
CA ASP B 93 9.46 2.29 18.51
C ASP B 93 8.70 3.45 19.16
N ASP B 94 9.34 4.13 20.12
CA ASP B 94 8.73 5.30 20.74
C ASP B 94 8.52 6.39 19.69
N HIS B 95 9.53 6.60 18.85
CA HIS B 95 9.42 7.63 17.83
C HIS B 95 8.37 7.26 16.78
N VAL B 96 8.27 5.98 16.46
CA VAL B 96 7.26 5.51 15.53
C VAL B 96 5.87 5.83 16.05
N ARG B 97 5.62 5.51 17.32
CA ARG B 97 4.31 5.72 17.93
C ARG B 97 3.93 7.21 17.93
N TYR B 98 4.88 8.06 18.29
CA TYR B 98 4.63 9.50 18.32
C TYR B 98 4.49 10.13 16.93
N LEU B 99 5.31 9.71 15.97
CA LEU B 99 5.18 10.28 14.64
C LEU B 99 3.88 9.80 13.99
N ASP B 100 3.55 8.52 14.15
CA ASP B 100 2.28 7.98 13.64
C ASP B 100 1.11 8.84 14.13
N ALA B 101 1.12 9.12 15.42
CA ALA B 101 0.03 9.88 16.04
C ALA B 101 0.05 11.37 15.66
N PHE B 102 1.24 11.92 15.44
CA PHE B 102 1.37 13.30 14.96
C PHE B 102 0.72 13.47 13.59
N ILE B 103 1.04 12.56 12.67
CA ILE B 103 0.51 12.62 11.31
C ILE B 103 -1.02 12.56 11.33
N GLU B 104 -1.56 11.63 12.11
CA GLU B 104 -3.02 11.52 12.25
C GLU B 104 -3.64 12.75 12.92
N ALA B 105 -2.98 13.27 13.96
CA ALA B 105 -3.47 14.48 14.63
C ALA B 105 -3.58 15.67 13.68
N LEU B 106 -2.76 15.69 12.63
CA LEU B 106 -2.83 16.76 11.63
C LEU B 106 -3.82 16.44 10.51
N GLY B 107 -4.29 15.20 10.48
CA GLY B 107 -5.25 14.78 9.48
C GLY B 107 -4.66 14.74 8.09
N LEU B 108 -3.36 14.46 8.01
CA LEU B 108 -2.67 14.36 6.74
C LEU B 108 -3.15 13.12 6.02
N GLU B 109 -3.30 13.23 4.71
CA GLU B 109 -3.75 12.10 3.91
C GLU B 109 -2.59 11.64 3.05
N GLU B 110 -2.47 12.18 1.84
CA GLU B 110 -1.32 11.91 1.01
C GLU B 110 -0.23 12.95 1.31
N VAL B 111 1.03 12.54 1.27
CA VAL B 111 2.14 13.46 1.54
C VAL B 111 3.30 13.23 0.59
N VAL B 112 4.22 14.19 0.51
CA VAL B 112 5.55 13.92 -0.03
C VAL B 112 6.49 13.89 1.18
N LEU B 113 7.41 12.91 1.22
CA LEU B 113 8.36 12.84 2.33
C LEU B 113 9.73 13.42 1.95
N VAL B 114 10.33 14.18 2.86
CA VAL B 114 11.72 14.62 2.71
C VAL B 114 12.45 14.20 4.00
N ILE B 115 13.38 13.27 3.89
CA ILE B 115 13.82 12.57 5.10
C ILE B 115 15.32 12.36 5.23
N HIS B 116 15.79 12.25 6.47
CA HIS B 116 17.22 12.14 6.77
C HIS B 116 17.45 11.28 8.01
N ASP B 117 18.47 10.41 7.99
CA ASP B 117 18.90 9.69 9.18
C ASP B 117 17.74 8.93 9.85
N TRP B 118 17.53 9.10 11.15
CA TRP B 118 16.42 8.41 11.80
C TRP B 118 15.06 8.88 11.28
N GLY B 119 15.01 10.11 10.76
CA GLY B 119 13.83 10.57 10.06
C GLY B 119 13.58 9.75 8.81
N SER B 120 14.64 9.28 8.16
CA SER B 120 14.46 8.38 7.01
C SER B 120 13.93 7.01 7.43
N ALA B 121 14.44 6.48 8.54
CA ALA B 121 13.91 5.22 9.06
C ALA B 121 12.42 5.38 9.36
N LEU B 122 12.05 6.47 10.02
CA LEU B 122 10.64 6.77 10.28
C LEU B 122 9.83 6.92 8.99
N GLY B 123 10.33 7.71 8.05
CA GLY B 123 9.62 7.97 6.80
C GLY B 123 9.44 6.71 5.98
N PHE B 124 10.51 5.96 5.77
CA PHE B 124 10.45 4.74 4.97
C PHE B 124 9.53 3.71 5.63
N HIS B 125 9.62 3.61 6.95
CA HIS B 125 8.79 2.68 7.72
C HIS B 125 7.31 3.06 7.63
N TRP B 126 7.01 4.35 7.67
CA TRP B 126 5.64 4.81 7.56
C TRP B 126 5.14 4.62 6.13
N ALA B 127 6.01 4.86 5.16
CA ALA B 127 5.66 4.69 3.75
C ALA B 127 5.33 3.24 3.44
N LYS B 128 6.18 2.34 3.90
CA LYS B 128 5.99 0.90 3.71
C LYS B 128 4.62 0.45 4.24
N ARG B 129 4.19 1.08 5.32
CA ARG B 129 2.95 0.69 5.98
C ARG B 129 1.76 1.42 5.39
N ASN B 130 2.03 2.54 4.72
CA ASN B 130 0.98 3.35 4.11
C ASN B 130 1.32 3.82 2.68
N PRO B 131 1.65 2.87 1.80
CA PRO B 131 2.24 3.23 0.50
C PRO B 131 1.29 4.03 -0.39
N GLU B 132 -0.02 3.92 -0.13
CA GLU B 132 -0.99 4.64 -0.93
C GLU B 132 -1.01 6.14 -0.60
N ARG B 133 -0.37 6.51 0.51
CA ARG B 133 -0.38 7.90 0.96
C ARG B 133 0.92 8.64 0.69
N VAL B 134 1.86 7.99 0.00
CA VAL B 134 3.15 8.60 -0.29
C VAL B 134 3.34 8.88 -1.79
N LYS B 135 3.34 10.16 -2.15
CA LYS B 135 3.41 10.55 -3.55
C LYS B 135 4.84 10.63 -4.07
N GLY B 136 5.80 10.76 -3.16
CA GLY B 136 7.21 10.79 -3.55
C GLY B 136 8.07 10.85 -2.30
N ILE B 137 9.34 10.50 -2.42
CA ILE B 137 10.27 10.55 -1.28
C ILE B 137 11.60 11.15 -1.71
N ALA B 138 11.98 12.25 -1.06
CA ALA B 138 13.32 12.79 -1.23
C ALA B 138 14.11 12.38 -0.01
N CYS B 139 15.33 11.89 -0.20
CA CYS B 139 16.06 11.36 0.93
C CYS B 139 17.54 11.68 0.80
N MSE B 140 18.26 11.57 1.91
CA MSE B 140 19.68 11.81 1.91
C MSE B 140 20.23 11.16 3.14
O MSE B 140 19.60 11.23 4.18
CB MSE B 140 19.95 13.32 1.92
CG MSE B 140 19.28 14.10 3.06
SE MSE B 140 18.67 15.86 2.46
CE MSE B 140 17.01 15.30 1.59
N GLU B 141 21.40 10.52 3.02
CA GLU B 141 22.08 9.95 4.19
C GLU B 141 21.11 9.19 5.08
N PHE B 142 20.48 8.17 4.49
CA PHE B 142 19.39 7.47 5.14
C PHE B 142 19.91 6.19 5.79
N ILE B 143 19.04 5.55 6.57
CA ILE B 143 19.45 4.36 7.32
C ILE B 143 19.19 3.06 6.56
N ARG B 144 20.27 2.33 6.28
CA ARG B 144 20.24 0.99 5.70
C ARG B 144 20.96 0.07 6.68
N PRO B 145 20.72 -1.24 6.56
CA PRO B 145 21.48 -2.13 7.44
C PRO B 145 22.95 -2.12 7.05
N ILE B 146 23.86 -2.22 8.01
CA ILE B 146 25.25 -2.50 7.66
C ILE B 146 25.79 -3.71 8.42
N PRO B 147 26.43 -4.65 7.70
CA PRO B 147 26.91 -5.93 8.25
C PRO B 147 28.12 -5.84 9.19
N THR B 148 28.92 -4.78 9.14
CA THR B 148 30.08 -4.67 10.04
C THR B 148 30.47 -3.23 10.36
N TRP B 149 31.38 -3.08 11.33
CA TRP B 149 31.94 -1.79 11.71
C TRP B 149 32.58 -1.10 10.51
N ASP B 150 33.36 -1.88 9.78
CA ASP B 150 34.30 -1.38 8.78
C ASP B 150 33.67 -0.51 7.70
N GLU B 151 32.37 -0.69 7.46
CA GLU B 151 31.64 0.14 6.52
C GLU B 151 31.69 1.61 6.91
N TRP B 152 31.86 1.86 8.21
CA TRP B 152 32.01 3.22 8.72
C TRP B 152 33.32 3.86 8.30
N PRO B 153 33.26 5.14 7.92
CA PRO B 153 34.47 5.91 7.59
C PRO B 153 35.38 5.97 8.80
N GLU B 154 36.69 6.01 8.55
CA GLU B 154 37.67 5.94 9.64
C GLU B 154 37.58 7.13 10.59
N PHE B 155 37.26 8.31 10.07
CA PHE B 155 37.20 9.49 10.94
C PHE B 155 36.14 9.32 12.02
N ALA B 156 35.15 8.46 11.78
CA ALA B 156 34.04 8.27 12.72
C ALA B 156 33.82 6.86 13.30
N ARG B 157 34.57 5.87 12.83
CA ARG B 157 34.35 4.50 13.27
C ARG B 157 34.53 4.31 14.79
N GLU B 158 35.69 4.70 15.31
CA GLU B 158 35.97 4.46 16.72
C GLU B 158 35.04 5.27 17.61
N THR B 159 34.72 6.49 17.17
CA THR B 159 33.80 7.35 17.90
C THR B 159 32.45 6.67 18.10
N PHE B 160 31.91 6.12 17.02
CA PHE B 160 30.60 5.48 17.11
C PHE B 160 30.62 4.10 17.76
N GLN B 161 31.76 3.43 17.70
CA GLN B 161 31.96 2.21 18.49
C GLN B 161 31.81 2.58 19.98
N ALA B 162 32.42 3.69 20.37
CA ALA B 162 32.34 4.13 21.77
C ALA B 162 30.91 4.52 22.14
N PHE B 163 30.17 5.11 21.21
CA PHE B 163 28.79 5.53 21.48
C PHE B 163 27.93 4.31 21.78
N ARG B 164 28.26 3.20 21.12
CA ARG B 164 27.48 1.97 21.25
C ARG B 164 27.95 1.10 22.39
N THR B 165 28.27 1.74 23.51
CA THR B 165 28.52 1.04 24.76
C THR B 165 27.64 1.65 25.86
N ALA B 166 27.41 0.91 26.93
CA ALA B 166 26.48 1.35 27.95
C ALA B 166 27.20 2.10 29.07
N ASP B 167 28.51 1.95 29.12
CA ASP B 167 29.33 2.68 30.07
C ASP B 167 29.94 3.91 29.39
N VAL B 168 30.91 3.69 28.53
CA VAL B 168 31.63 4.77 27.86
C VAL B 168 30.68 5.63 27.02
N GLY B 169 29.74 4.98 26.36
CA GLY B 169 28.79 5.66 25.49
C GLY B 169 27.92 6.66 26.23
N ARG B 170 27.55 6.32 27.46
CA ARG B 170 26.76 7.23 28.28
C ARG B 170 27.62 8.34 28.88
N GLU B 171 28.85 8.02 29.25
CA GLU B 171 29.78 9.06 29.66
C GLU B 171 29.94 10.11 28.56
N LEU B 172 30.08 9.66 27.33
CA LEU B 172 30.26 10.58 26.23
C LEU B 172 28.99 11.33 25.92
N ILE B 173 27.90 10.61 25.69
CA ILE B 173 26.71 11.25 25.14
C ILE B 173 25.87 11.96 26.19
N ILE B 174 25.69 11.32 27.34
CA ILE B 174 24.90 11.91 28.43
C ILE B 174 25.72 12.94 29.21
N ASP B 175 26.83 12.50 29.82
CA ASP B 175 27.59 13.38 30.69
C ASP B 175 28.22 14.55 29.93
N GLN B 176 28.87 14.23 28.81
CA GLN B 176 29.73 15.19 28.14
C GLN B 176 29.09 15.85 26.93
N ASN B 177 27.87 15.40 26.60
CA ASN B 177 27.13 15.89 25.45
C ASN B 177 27.89 15.75 24.13
N ALA B 178 28.61 14.65 24.00
CA ALA B 178 29.49 14.43 22.84
C ALA B 178 28.76 14.29 21.51
N PHE B 179 27.49 13.92 21.53
CA PHE B 179 26.80 13.82 20.26
C PHE B 179 26.58 15.20 19.65
N ILE B 180 26.33 16.18 20.51
CA ILE B 180 26.11 17.55 20.08
C ILE B 180 27.44 18.26 19.87
N GLU B 181 28.35 18.11 20.82
CA GLU B 181 29.63 18.85 20.76
C GLU B 181 30.70 18.21 19.86
N GLY B 182 30.58 16.90 19.63
CA GLY B 182 31.57 16.17 18.85
C GLY B 182 31.04 15.63 17.53
N ALA B 183 30.01 14.80 17.59
CA ALA B 183 29.51 14.12 16.38
C ALA B 183 28.88 15.11 15.39
N LEU B 184 28.12 16.05 15.93
CA LEU B 184 27.42 17.01 15.08
C LEU B 184 28.37 17.81 14.15
N PRO B 185 29.41 18.48 14.69
CA PRO B 185 30.30 19.17 13.73
C PRO B 185 31.09 18.23 12.81
N MSE B 186 31.38 17.02 13.27
CA MSE B 186 32.04 15.98 12.50
C MSE B 186 31.23 15.55 11.28
O MSE B 186 31.78 15.04 10.29
CB MSE B 186 32.23 14.79 13.46
CG MSE B 186 32.97 13.60 12.95
SE MSE B 186 32.95 12.26 14.39
CE MSE B 186 31.09 11.78 14.29
N GLY B 187 29.92 15.76 11.34
CA GLY B 187 29.03 15.37 10.26
C GLY B 187 28.83 16.43 9.20
N VAL B 188 29.54 17.55 9.32
CA VAL B 188 29.41 18.66 8.38
C VAL B 188 30.80 18.99 7.85
N VAL B 189 30.92 19.17 6.54
CA VAL B 189 32.22 19.50 5.94
C VAL B 189 32.67 20.90 6.35
N ARG B 190 31.80 21.88 6.13
CA ARG B 190 32.09 23.24 6.56
C ARG B 190 31.90 23.36 8.07
N PRO B 191 32.56 24.34 8.70
CA PRO B 191 32.39 24.48 10.16
C PRO B 191 31.07 25.13 10.56
N LEU B 192 30.32 24.46 11.42
CA LEU B 192 29.11 25.05 12.00
C LEU B 192 29.47 26.25 12.88
N THR B 193 28.69 27.32 12.77
CA THR B 193 28.97 28.52 13.55
C THR B 193 28.36 28.43 14.95
N GLU B 194 28.76 29.34 15.82
CA GLU B 194 28.32 29.31 17.21
C GLU B 194 26.81 29.49 17.34
N VAL B 195 26.24 30.30 16.46
CA VAL B 195 24.80 30.53 16.46
C VAL B 195 24.05 29.25 16.09
N GLU B 196 24.55 28.54 15.09
CA GLU B 196 23.96 27.29 14.68
C GLU B 196 24.10 26.23 15.78
N MSE B 197 25.29 26.14 16.38
CA MSE B 197 25.52 25.20 17.47
C MSE B 197 24.56 25.44 18.64
O MSE B 197 24.02 24.49 19.21
CB MSE B 197 26.98 25.25 17.94
CG MSE B 197 27.97 24.68 16.94
SE MSE B 197 27.71 22.75 16.73
CE MSE B 197 27.89 22.27 18.63
N ASP B 198 24.35 26.71 18.98
CA ASP B 198 23.41 27.05 20.05
C ASP B 198 21.97 26.62 19.78
N HIS B 199 21.54 26.70 18.53
CA HIS B 199 20.22 26.19 18.17
C HIS B 199 20.14 24.67 18.36
N TYR B 200 21.21 23.98 17.99
CA TYR B 200 21.24 22.51 18.18
C TYR B 200 21.41 22.12 19.65
N ARG B 201 22.11 22.96 20.42
CA ARG B 201 22.31 22.72 21.85
C ARG B 201 21.05 22.87 22.69
N GLU B 202 20.14 23.74 22.24
CA GLU B 202 19.01 24.17 23.09
C GLU B 202 18.17 23.08 23.78
N PRO B 203 17.81 21.99 23.06
CA PRO B 203 16.97 20.98 23.72
C PRO B 203 17.73 20.13 24.73
N PHE B 204 19.05 20.25 24.78
CA PHE B 204 19.85 19.29 25.52
C PHE B 204 20.74 19.94 26.57
N LEU B 205 20.37 21.14 27.02
CA LEU B 205 21.08 21.79 28.13
C LEU B 205 21.18 20.96 29.41
N LYS B 206 20.12 20.24 29.77
CA LYS B 206 20.13 19.38 30.95
C LYS B 206 20.63 17.98 30.57
N PRO B 207 21.59 17.43 31.32
CA PRO B 207 22.12 16.10 30.98
C PRO B 207 21.05 15.02 30.90
N VAL B 208 20.08 15.03 31.81
CA VAL B 208 19.06 13.99 31.83
C VAL B 208 18.21 14.00 30.53
N ASP B 209 18.17 15.12 29.84
CA ASP B 209 17.38 15.22 28.63
C ASP B 209 18.10 14.64 27.41
N ARG B 210 19.31 14.12 27.62
CA ARG B 210 20.12 13.61 26.51
C ARG B 210 19.86 12.14 26.18
N GLU B 211 18.93 11.51 26.90
CA GLU B 211 18.59 10.11 26.66
C GLU B 211 18.27 9.75 25.19
N PRO B 212 17.49 10.59 24.47
CA PRO B 212 17.19 10.21 23.07
C PRO B 212 18.46 10.12 22.22
N LEU B 213 19.45 10.95 22.53
CA LEU B 213 20.70 11.01 21.79
C LEU B 213 21.59 9.79 22.04
N TRP B 214 21.45 9.15 23.20
CA TRP B 214 22.25 7.96 23.47
C TRP B 214 21.57 6.73 22.87
N ARG B 215 20.24 6.69 22.95
CA ARG B 215 19.55 5.50 22.47
C ARG B 215 19.68 5.32 20.95
N LEU B 216 19.65 6.41 20.20
CA LEU B 216 19.60 6.32 18.73
C LEU B 216 20.81 5.65 18.07
N PRO B 217 22.05 6.05 18.44
CA PRO B 217 23.16 5.32 17.83
C PRO B 217 23.15 3.85 18.25
N ASN B 218 22.54 3.57 19.40
CA ASN B 218 22.44 2.19 19.88
C ASN B 218 21.31 1.41 19.21
N GLU B 219 20.51 2.12 18.42
CA GLU B 219 19.45 1.52 17.61
C GLU B 219 19.87 1.25 16.17
N LEU B 220 21.02 1.77 15.75
CA LEU B 220 21.49 1.59 14.37
C LEU B 220 21.65 0.10 14.03
N PRO B 221 21.18 -0.30 12.85
CA PRO B 221 21.27 -1.71 12.47
C PRO B 221 22.67 -2.04 11.97
N ILE B 222 23.50 -2.55 12.87
CA ILE B 222 24.89 -2.85 12.57
C ILE B 222 25.19 -4.28 12.97
N ALA B 223 25.67 -5.06 12.00
CA ALA B 223 26.07 -6.44 12.24
C ALA B 223 24.95 -7.26 12.86
N GLY B 224 23.72 -7.01 12.39
CA GLY B 224 22.57 -7.79 12.80
C GLY B 224 21.92 -7.32 14.08
N GLU B 225 22.48 -6.30 14.72
CA GLU B 225 21.96 -5.85 16.01
C GLU B 225 21.67 -4.35 16.02
N PRO B 226 20.56 -3.94 16.66
CA PRO B 226 19.58 -4.84 17.29
C PRO B 226 18.65 -5.52 16.29
N ALA B 227 18.31 -6.78 16.57
CA ALA B 227 17.59 -7.63 15.61
C ALA B 227 16.29 -7.01 15.14
N ASN B 228 15.55 -6.41 16.05
CA ASN B 228 14.24 -5.85 15.69
C ASN B 228 14.35 -4.67 14.72
N ILE B 229 15.38 -3.85 14.88
CA ILE B 229 15.61 -2.74 13.96
C ILE B 229 16.07 -3.29 12.60
N VAL B 230 17.01 -4.22 12.63
CA VAL B 230 17.51 -4.82 11.39
C VAL B 230 16.36 -5.39 10.55
N ALA B 231 15.45 -6.11 11.21
CA ALA B 231 14.32 -6.71 10.50
C ALA B 231 13.40 -5.65 9.88
N LEU B 232 13.10 -4.61 10.65
CA LEU B 232 12.21 -3.54 10.21
C LEU B 232 12.81 -2.75 9.05
N VAL B 233 14.11 -2.46 9.14
CA VAL B 233 14.81 -1.75 8.09
C VAL B 233 14.94 -2.60 6.82
N GLU B 234 15.22 -3.89 6.98
CA GLU B 234 15.20 -4.79 5.81
C GLU B 234 13.84 -4.75 5.12
N ALA B 235 12.78 -4.71 5.92
CA ALA B 235 11.43 -4.69 5.37
C ALA B 235 11.15 -3.43 4.57
N TYR B 236 11.54 -2.26 5.07
CA TYR B 236 11.29 -1.05 4.28
C TYR B 236 12.20 -0.92 3.06
N MSE B 237 13.41 -1.46 3.14
CA MSE B 237 14.30 -1.47 1.99
C MSE B 237 13.75 -2.42 0.92
O MSE B 237 13.82 -2.13 -0.29
CB MSE B 237 15.72 -1.88 2.38
CG MSE B 237 16.51 -0.85 3.20
SE MSE B 237 16.49 0.98 2.45
CE MSE B 237 17.44 0.67 0.77
N ASN B 238 13.19 -3.55 1.34
CA ASN B 238 12.55 -4.47 0.39
C ASN B 238 11.37 -3.77 -0.31
N TRP B 239 10.53 -3.12 0.49
CA TRP B 239 9.45 -2.33 -0.06
C TRP B 239 9.97 -1.27 -1.03
N LEU B 240 11.02 -0.57 -0.63
CA LEU B 240 11.52 0.54 -1.44
C LEU B 240 12.06 0.04 -2.79
N HIS B 241 12.69 -1.12 -2.79
CA HIS B 241 13.24 -1.68 -4.01
C HIS B 241 12.17 -2.13 -5.00
N GLN B 242 10.97 -2.39 -4.51
CA GLN B 242 9.88 -2.82 -5.37
C GLN B 242 8.97 -1.65 -5.76
N SER B 243 8.92 -0.63 -4.91
CA SER B 243 7.92 0.41 -5.06
C SER B 243 8.16 1.31 -6.27
N PRO B 244 7.07 1.64 -6.98
CA PRO B 244 7.14 2.57 -8.12
C PRO B 244 7.24 4.04 -7.68
N VAL B 245 7.15 4.29 -6.38
CA VAL B 245 7.12 5.66 -5.84
C VAL B 245 8.35 6.46 -6.35
N PRO B 246 8.10 7.67 -6.85
CA PRO B 246 9.23 8.51 -7.30
C PRO B 246 10.18 8.83 -6.14
N LYS B 247 11.47 8.66 -6.39
CA LYS B 247 12.47 8.86 -5.35
C LYS B 247 13.51 9.87 -5.82
N LEU B 248 13.97 10.70 -4.90
CA LEU B 248 15.02 11.67 -5.17
C LEU B 248 16.09 11.55 -4.10
N LEU B 249 17.28 11.11 -4.50
CA LEU B 249 18.36 10.85 -3.53
C LEU B 249 19.48 11.86 -3.68
N PHE B 250 19.68 12.67 -2.65
CA PHE B 250 20.83 13.56 -2.59
C PHE B 250 21.99 12.85 -1.94
N TRP B 251 23.19 13.07 -2.49
CA TRP B 251 24.39 12.44 -1.93
C TRP B 251 25.59 13.38 -2.01
N GLY B 252 26.49 13.26 -1.04
CA GLY B 252 27.70 14.07 -1.05
C GLY B 252 28.94 13.20 -1.20
N THR B 253 30.09 13.86 -1.30
CA THR B 253 31.38 13.17 -1.36
C THR B 253 32.21 13.67 -0.19
N PRO B 254 32.74 12.76 0.64
CA PRO B 254 32.65 11.29 0.54
C PRO B 254 31.36 10.69 1.11
N GLY B 255 30.52 11.54 1.70
CA GLY B 255 29.31 11.05 2.34
C GLY B 255 29.70 10.27 3.58
N VAL B 256 28.71 9.65 4.22
CA VAL B 256 28.96 8.84 5.41
C VAL B 256 28.12 7.57 5.34
N LEU B 257 26.81 7.71 5.45
CA LEU B 257 25.94 6.55 5.41
C LEU B 257 25.71 6.12 3.96
N ILE B 258 25.76 7.09 3.05
CA ILE B 258 25.57 6.83 1.62
C ILE B 258 26.72 7.42 0.80
N PRO B 259 27.84 6.67 0.71
CA PRO B 259 28.98 7.10 -0.09
C PRO B 259 28.61 7.12 -1.58
N PRO B 260 29.37 7.86 -2.39
CA PRO B 260 29.11 7.96 -3.83
C PRO B 260 28.82 6.63 -4.51
N ALA B 261 29.62 5.60 -4.20
CA ALA B 261 29.45 4.29 -4.82
C ALA B 261 28.10 3.68 -4.48
N GLU B 262 27.62 3.93 -3.26
CA GLU B 262 26.34 3.40 -2.83
C GLU B 262 25.17 4.16 -3.48
N ALA B 263 25.34 5.47 -3.64
CA ALA B 263 24.32 6.27 -4.32
C ALA B 263 24.17 5.83 -5.79
N ALA B 264 25.27 5.41 -6.40
CA ALA B 264 25.24 4.93 -7.78
C ALA B 264 24.54 3.58 -7.89
N ARG B 265 24.86 2.67 -6.97
CA ARG B 265 24.15 1.39 -6.90
C ARG B 265 22.65 1.59 -6.76
N LEU B 266 22.26 2.44 -5.80
CA LEU B 266 20.85 2.73 -5.54
C LEU B 266 20.14 3.40 -6.72
N ALA B 267 20.86 4.21 -7.48
CA ALA B 267 20.31 4.84 -8.66
C ALA B 267 19.80 3.80 -9.67
N GLU B 268 20.38 2.60 -9.62
CA GLU B 268 19.98 1.52 -10.51
C GLU B 268 19.00 0.56 -9.85
N SER B 269 19.22 0.24 -8.57
CA SER B 269 18.43 -0.77 -7.88
C SER B 269 17.07 -0.27 -7.38
N LEU B 270 16.89 1.04 -7.29
CA LEU B 270 15.62 1.62 -6.85
C LEU B 270 14.84 2.16 -8.03
N PRO B 271 13.58 1.70 -8.20
CA PRO B 271 12.74 2.17 -9.30
C PRO B 271 12.49 3.67 -9.22
N ASN B 272 12.40 4.31 -10.38
CA ASN B 272 12.05 5.73 -10.48
C ASN B 272 12.88 6.62 -9.56
N CYS B 273 14.19 6.42 -9.57
CA CYS B 273 15.08 7.12 -8.64
C CYS B 273 16.00 8.08 -9.36
N LYS B 274 15.91 9.35 -9.00
CA LYS B 274 16.80 10.38 -9.51
C LYS B 274 17.82 10.69 -8.41
N THR B 275 19.06 10.92 -8.80
CA THR B 275 20.09 11.30 -7.85
C THR B 275 20.56 12.72 -8.10
N VAL B 276 21.04 13.37 -7.05
CA VAL B 276 21.64 14.70 -7.15
C VAL B 276 22.92 14.76 -6.32
N ASP B 277 24.01 15.15 -6.99
CA ASP B 277 25.32 15.30 -6.39
C ASP B 277 25.41 16.71 -5.78
N ILE B 278 25.58 16.81 -4.46
CA ILE B 278 25.61 18.14 -3.83
C ILE B 278 27.01 18.68 -3.67
N GLY B 279 28.01 17.90 -4.08
CA GLY B 279 29.38 18.31 -3.88
C GLY B 279 29.92 17.75 -2.58
N PRO B 280 30.82 18.49 -1.93
CA PRO B 280 31.37 18.07 -0.63
C PRO B 280 30.24 17.85 0.37
N GLY B 281 30.30 16.72 1.06
CA GLY B 281 29.25 16.39 2.00
C GLY B 281 29.64 15.20 2.83
N LEU B 282 29.17 15.19 4.06
CA LEU B 282 29.39 14.06 4.94
C LEU B 282 28.06 13.46 5.38
N PHE B 283 27.58 13.85 6.56
CA PHE B 283 26.34 13.31 7.12
C PHE B 283 25.18 14.31 7.02
N LEU B 284 25.38 15.52 7.53
CA LEU B 284 24.33 16.54 7.43
C LEU B 284 24.48 17.33 6.13
N LEU B 285 24.09 16.72 5.02
CA LEU B 285 24.21 17.39 3.71
C LEU B 285 23.49 18.73 3.67
N GLN B 286 22.40 18.83 4.43
CA GLN B 286 21.60 20.05 4.52
C GLN B 286 22.41 21.26 4.99
N GLU B 287 23.45 21.01 5.77
CA GLU B 287 24.26 22.11 6.28
C GLU B 287 25.40 22.47 5.33
N ASP B 288 25.63 21.66 4.30
CA ASP B 288 26.71 21.94 3.35
C ASP B 288 26.22 22.57 2.04
N ASN B 289 25.08 22.10 1.55
CA ASN B 289 24.51 22.67 0.34
C ASN B 289 22.97 22.75 0.38
N PRO B 290 22.42 23.57 1.30
CA PRO B 290 20.97 23.64 1.36
C PRO B 290 20.32 24.24 0.11
N ASP B 291 21.00 25.19 -0.55
CA ASP B 291 20.47 25.84 -1.75
C ASP B 291 20.10 24.81 -2.82
N LEU B 292 21.03 23.92 -3.13
CA LEU B 292 20.81 22.93 -4.18
C LEU B 292 19.78 21.89 -3.75
N ILE B 293 19.82 21.49 -2.49
CA ILE B 293 18.86 20.51 -2.00
C ILE B 293 17.45 21.11 -2.12
N GLY B 294 17.31 22.34 -1.64
CA GLY B 294 16.01 23.01 -1.72
C GLY B 294 15.56 23.27 -3.15
N SER B 295 16.44 23.82 -3.98
CA SER B 295 16.06 24.14 -5.34
C SER B 295 15.76 22.90 -6.19
N GLU B 296 16.48 21.81 -5.96
CA GLU B 296 16.20 20.57 -6.68
C GLU B 296 14.91 19.88 -6.20
N ILE B 297 14.64 19.92 -4.91
CA ILE B 297 13.35 19.41 -4.42
C ILE B 297 12.22 20.20 -5.08
N ALA B 298 12.36 21.51 -5.14
CA ALA B 298 11.33 22.37 -5.71
C ALA B 298 11.11 22.06 -7.19
N ARG B 299 12.18 21.71 -7.89
CA ARG B 299 12.12 21.37 -9.32
C ARG B 299 11.43 20.03 -9.56
N TRP B 300 11.62 19.12 -8.61
CA TRP B 300 11.17 17.73 -8.72
C TRP B 300 9.70 17.56 -8.34
N LEU B 301 9.24 18.31 -7.34
CA LEU B 301 7.85 18.24 -6.88
C LEU B 301 6.78 18.33 -7.99
N PRO B 302 6.89 19.30 -8.92
CA PRO B 302 5.87 19.37 -9.97
C PRO B 302 5.69 18.10 -10.79
N GLY B 303 6.75 17.29 -10.90
CA GLY B 303 6.67 16.02 -11.59
C GLY B 303 5.83 14.98 -10.87
N LEU B 304 5.41 15.29 -9.64
CA LEU B 304 4.60 14.37 -8.84
C LEU B 304 3.11 14.63 -9.01
N ALA B 305 2.76 15.79 -9.54
CA ALA B 305 1.35 16.14 -9.74
C ALA B 305 0.68 15.19 -10.73
N GLY B 306 -0.45 14.62 -10.34
CA GLY B 306 -1.19 13.70 -11.19
C GLY B 306 -2.27 12.95 -10.45
C1 1Q9 C . -22.37 -8.44 -13.05
C2 1Q9 C . -24.42 -8.61 -11.74
N1 1Q9 C . -22.87 -7.42 -13.97
C3 1Q9 C . -27.78 -7.91 -11.06
O1 1Q9 C . -26.79 -8.52 -10.26
C4 1Q9 C . -29.13 -8.12 -10.41
N3 1Q9 C . -21.03 -8.77 -13.56
N4 1Q9 C . -20.81 -8.05 -14.59
N5 1Q9 C . -21.97 -7.21 -14.85
N6 1Q9 C . -23.01 -8.95 -12.00
CG 1Q9 C . -24.61 -7.66 -10.59
CD1 1Q9 C . -23.59 -6.78 -10.23
CE1 1Q9 C . -23.83 -5.93 -9.14
CZ 1Q9 C . -24.97 -5.86 -8.40
CE2 1Q9 C . -25.97 -6.76 -8.79
CD2 1Q9 C . -25.80 -7.64 -9.87
CL1 1Q9 C . -22.52 -4.81 -8.67
CL2 1Q9 C . -27.53 -6.71 -7.78
NA NA D . -13.83 -13.08 8.73
NA NA E . -19.46 -3.65 -14.42
C1 1Q9 F . 23.20 8.63 13.60
C2 1Q9 F . 25.10 8.79 12.12
N1 1Q9 F . 23.93 8.01 14.71
C3 1Q9 F . 28.59 8.06 11.73
O1 1Q9 F . 27.62 8.87 11.10
C4 1Q9 F . 28.64 6.77 10.93
N3 1Q9 F . 21.81 8.71 14.07
N4 1Q9 F . 21.76 8.22 15.24
N5 1Q9 F . 23.08 7.77 15.64
N6 1Q9 F . 23.71 9.03 12.43
CG 1Q9 F . 25.96 10.01 12.30
CD1 1Q9 F . 25.52 11.14 13.00
CE1 1Q9 F . 26.41 12.21 13.13
CZ 1Q9 F . 27.67 12.27 12.62
CE2 1Q9 F . 28.06 11.11 11.93
CD2 1Q9 F . 27.22 10.00 11.77
CL1 1Q9 F . 25.86 13.68 13.99
CL2 1Q9 F . 29.76 11.12 11.21
NA NA G . 18.81 27.87 0.38
NA NA H . 22.27 10.37 18.78
#